data_8ILS
#
_entry.id   8ILS
#
loop_
_entity.id
_entity.type
_entity.pdbx_description
1 polymer 'Phosphatidylinositol 4,5-bisphosphate 3-kinase catalytic subunit alpha isoform'
2 polymer 'Phosphatidylinositol 3-kinase regulatory subunit alpha'
3 non-polymer N-[(2R)-1-(ethylamino)-1-oxidanylidene-3-[4-(2-quinoxalin-6-ylethynyl)phenyl]propan-2-yl]-2,3-dimethyl-quinoxaline-6-carboxamide
4 water water
#
loop_
_entity_poly.entity_id
_entity_poly.type
_entity_poly.pdbx_seq_one_letter_code
_entity_poly.pdbx_strand_id
1 'polypeptide(L)'
;MSYYHHHHHHDYDIPTTENLYFQGAMGSMPPRPSSGELWGIHLMPPRILVECLLPNGMIVTLECLREATLITIKHELFKE
ARKYPLHQLLQDESSYIFVSVTQEAEREEFFDETRRLCDLRLFQPFLKVIEPVGNREEKILNREIGFAIGMPVCEFDMVK
DPEVQDFRRNILNVCKEAVDLRDLNSPHSRAMYVYPPNVESSPELPKHIYNKLDKGQIIVVIWVIVSPNNDKQKYTLKIN
HDCVPEQVIAEAIRKKTRSMLLSSEQLKLCVLEYQGKYILKVCGCDEYFLEKYPLSQYKYIRSCIMLGRMPNLMLMAKES
LYSQLPMDCFTMPSYSRRISTATPYMNGETSTKSLWVINSALRIKILCATYVNVNIRDIDKIYVRTGIYHGGEPLCDNVN
TQRVPCSNPRWNEWLNYDIYIPDLPRAARLCLSICSVKGRKGAKEEHCPLAWGNINLFDYTDTLVSGKMALNLWPVPHGL
EDLLNPIGVTGSNPNKETPCLELEFDWFSSVVKFPDMSVIEEHANWSVSREAGFSYSHAGLSNRLARDNELRENDKEQLK
AISTRDPLSEITEQEKDFLWSHRHYCVTIPEILPKLLLSVKWNSRDEVAQMYCLVKDWPPIKPEQAMELLDCNYPDPMVR
GFAVRCLEKYLTDDKLSQYLIQLVQVLKYEQYLDNLLVRFLLKKALTNQRIGHFFFWHLKSEMHNKTVSQRFGLLLESYC
RACGMYLKHLNRQVEAMEKLINLTDILKQEKKDETQKVQMKFLVEQMRRPDFMDALQGFLSPLNPAHQLGNLRLEECRIM
SSAKRPLWLNWENPDIMSELLFQNNEIIFKNGDDLRQDMLTLQIIRIMENIWQNQGLDLRMLPYGCLSIGDCVGLIEVVR
NSHTIMQIQCKGGLKGALQFNSHTLHQWLKDKNKGEIYDAAIDLFTRSCAGYCVATFILGIGDRHNSNIMVKDDGQLFHI
DFGHFLDHKKKKFGYKRERVPFVLTQDFLIVISKGAQECTKTREFERFQEMCYKAYLAIRQHANLFINLFSMMLGSGMPE
LQSFDDIAYIRKTLALDKTEQEALEYFMKQMNDAHHGGWTTKMDWIFHTIKQHALN
;
A
2 'polypeptide(L)'
;MAEGYQYRALYDYKKEREEDIDLHLGDILTVNKGSLVALGFSDGQEARPEEIGWLNGYNETTGERGDFPGTYVEYIGRKK
ISPPTPKPRPPRPLPVAPGSSKTEADVEQQALTLPDLAEQFAPPDIAPPLLIKLVEAIEKKGLECSTLYRTQSSSNLAEL
RQLLDCDTPSVDLEMIDVHVLADAFKRYLLDLPNPVIPAAVYSEMISLAPEVQSSEEYIQLLKKLIRSPSIPHQYWLTLQ
YLLKHFFKLSQTSSKNLLNARVLSEIFSPMLFRFSAASSDNTENLIKVIEILISTEWNERQPAPALPPKPPKPTTVANNG
MNNNMSLQDAEWYWGDISREEVNEKLRDTADGTFLVRDASTKMHGDYTLTLRKGGNNKLIKIFHRDGKYGFSDPLTFSSV
VELINHYRNESLAQYNPKLDVKLLYPVSKYQQDQVVKEDNIEAVGKKLHEYNTQFQEKSREYDRLYEEYTRTSQEIQMKR
TAIEAFNETIKIFEEQCQTQERYSKEYIEKFKREGNEKEIQRIMHNYDKLKSRISEIIDSRRRLEEDLKKQAAEYREIDK
RMNSIKPDLIQLRKTRDQYLMWLTQKGVRQKKLNEWLGNENTEDQYSLVEDDEDLPHHDEKTWNVGSSNRNKAENLLRGK
RDGTFLVRESSKQGCYACSVVVDGEVKHCVINKTATGYGFAEPYNLYSSLKELVLHYQHTSLVQHNDSLNVTLAYPVYAQ
QRR
;
B
#
# COMPACT_ATOMS: atom_id res chain seq x y z
N SER A 35 0.88 -20.39 19.79
CA SER A 35 1.00 -19.00 20.24
C SER A 35 0.19 -18.77 21.51
N GLY A 36 0.36 -17.60 22.11
CA GLY A 36 -0.33 -17.27 23.35
C GLY A 36 0.61 -16.74 24.41
N GLU A 37 0.24 -16.92 25.68
CA GLU A 37 1.11 -16.47 26.78
C GLU A 37 2.40 -17.28 26.82
N LEU A 38 2.34 -18.56 26.45
CA LEU A 38 3.51 -19.41 26.32
C LEU A 38 3.49 -20.09 24.97
N TRP A 39 4.67 -20.48 24.50
CA TRP A 39 4.79 -21.10 23.18
C TRP A 39 3.98 -22.39 23.13
N GLY A 40 3.27 -22.59 22.02
CA GLY A 40 2.52 -23.81 21.81
C GLY A 40 1.11 -23.79 22.36
N ILE A 41 0.97 -23.52 23.65
CA ILE A 41 -0.33 -23.55 24.31
C ILE A 41 -0.79 -22.11 24.52
N HIS A 42 -1.87 -21.73 23.84
CA HIS A 42 -2.41 -20.38 24.04
C HIS A 42 -3.21 -20.28 25.33
N LEU A 43 -3.91 -21.33 25.73
CA LEU A 43 -4.62 -21.32 27.00
C LEU A 43 -3.63 -21.26 28.15
N MET A 44 -3.90 -20.40 29.12
CA MET A 44 -2.98 -20.13 30.22
C MET A 44 -3.60 -20.54 31.54
N PRO A 45 -3.19 -21.67 32.12
CA PRO A 45 -3.67 -22.04 33.45
C PRO A 45 -3.33 -20.97 34.48
N PRO A 46 -4.23 -20.70 35.42
CA PRO A 46 -3.98 -19.59 36.37
C PRO A 46 -2.67 -19.73 37.14
N ARG A 47 -2.30 -20.95 37.50
CA ARG A 47 -1.08 -21.19 38.27
C ARG A 47 -0.16 -22.09 37.47
N ILE A 48 1.09 -21.67 37.33
CA ILE A 48 2.09 -22.39 36.54
C ILE A 48 3.39 -22.47 37.32
N LEU A 49 4.08 -23.59 37.17
CA LEU A 49 5.36 -23.78 37.84
C LEU A 49 6.45 -22.99 37.13
N VAL A 50 6.88 -21.88 37.73
CA VAL A 50 7.86 -20.98 37.16
C VAL A 50 9.16 -21.13 37.93
N GLU A 51 10.24 -21.43 37.22
CA GLU A 51 11.55 -21.66 37.81
C GLU A 51 12.38 -20.39 37.75
N CYS A 52 13.01 -20.03 38.86
CA CYS A 52 13.86 -18.85 38.93
C CYS A 52 15.33 -19.26 38.89
N LEU A 53 16.16 -18.30 38.48
CA LEU A 53 17.61 -18.47 38.41
C LEU A 53 18.24 -17.43 39.34
N LEU A 54 18.40 -17.79 40.61
CA LEU A 54 18.94 -16.86 41.59
C LEU A 54 20.42 -16.60 41.30
N PRO A 55 20.91 -15.44 41.73
CA PRO A 55 22.30 -15.07 41.39
C PRO A 55 23.32 -16.08 41.90
N ASN A 56 23.10 -16.65 43.08
CA ASN A 56 24.07 -17.59 43.64
C ASN A 56 24.20 -18.84 42.77
N GLY A 57 23.10 -19.33 42.24
CA GLY A 57 23.12 -20.55 41.44
C GLY A 57 22.07 -21.53 41.89
N MET A 58 21.11 -21.07 42.68
CA MET A 58 20.09 -21.92 43.27
C MET A 58 18.85 -21.94 42.37
N ILE A 59 18.37 -23.13 42.05
CA ILE A 59 17.17 -23.30 41.25
C ILE A 59 15.97 -23.39 42.16
N VAL A 60 14.97 -22.56 41.91
CA VAL A 60 13.74 -22.53 42.71
C VAL A 60 12.55 -22.41 41.76
N THR A 61 11.46 -23.07 42.12
CA THR A 61 10.23 -23.04 41.35
C THR A 61 9.12 -22.38 42.18
N LEU A 62 8.27 -21.61 41.52
CA LEU A 62 7.15 -20.95 42.17
C LEU A 62 5.87 -21.16 41.37
N GLU A 63 4.76 -21.24 42.09
CA GLU A 63 3.43 -21.30 41.50
C GLU A 63 2.77 -19.95 41.73
N CYS A 64 2.39 -19.28 40.65
CA CYS A 64 1.88 -17.92 40.70
C CYS A 64 0.55 -17.84 39.97
N LEU A 65 0.04 -16.63 39.85
CA LEU A 65 -1.19 -16.36 39.12
C LEU A 65 -0.88 -15.80 37.74
N ARG A 66 -1.88 -15.83 36.86
CA ARG A 66 -1.73 -15.19 35.56
C ARG A 66 -1.50 -13.69 35.71
N GLU A 67 -2.22 -13.07 36.63
CA GLU A 67 -2.13 -11.63 36.85
C GLU A 67 -1.13 -11.25 37.93
N ALA A 68 -0.37 -12.23 38.45
CA ALA A 68 0.61 -11.95 39.49
C ALA A 68 1.68 -11.02 38.92
N THR A 69 1.65 -9.75 39.33
CA THR A 69 2.59 -8.78 38.81
C THR A 69 4.01 -9.16 39.19
N LEU A 70 4.97 -8.51 38.52
CA LEU A 70 6.38 -8.83 38.76
C LEU A 70 6.79 -8.49 40.18
N ILE A 71 6.20 -7.45 40.77
CA ILE A 71 6.57 -7.04 42.12
C ILE A 71 6.26 -8.16 43.11
N THR A 72 5.06 -8.75 43.01
CA THR A 72 4.68 -9.80 43.93
C THR A 72 5.53 -11.05 43.75
N ILE A 73 5.77 -11.44 42.49
CA ILE A 73 6.50 -12.68 42.24
C ILE A 73 7.89 -12.61 42.85
N LYS A 74 8.58 -11.49 42.67
CA LYS A 74 9.89 -11.34 43.28
C LYS A 74 9.81 -11.39 44.79
N HIS A 75 8.75 -10.80 45.36
CA HIS A 75 8.57 -10.85 46.80
C HIS A 75 8.47 -12.29 47.29
N GLU A 76 7.46 -13.02 46.80
CA GLU A 76 7.33 -14.42 47.17
C GLU A 76 8.56 -15.22 46.76
N LEU A 77 9.14 -14.91 45.60
CA LEU A 77 10.35 -15.58 45.17
C LEU A 77 11.45 -15.46 46.22
N PHE A 78 11.67 -14.26 46.72
CA PHE A 78 12.75 -14.07 47.68
C PHE A 78 12.40 -14.62 49.05
N LYS A 79 11.11 -14.69 49.40
CA LYS A 79 10.73 -15.38 50.63
C LYS A 79 10.54 -16.86 50.40
N GLU A 80 11.44 -17.48 49.65
CA GLU A 80 11.57 -18.94 49.65
C GLU A 80 13.01 -19.38 49.50
N ALA A 81 13.95 -18.45 49.31
CA ALA A 81 15.37 -18.80 49.30
C ALA A 81 15.84 -19.25 50.67
N ARG A 82 15.10 -18.88 51.71
CA ARG A 82 15.42 -19.36 53.06
C ARG A 82 15.37 -20.89 53.14
N LYS A 83 14.67 -21.54 52.21
CA LYS A 83 14.59 -22.99 52.16
C LYS A 83 15.62 -23.59 51.22
N TYR A 84 16.67 -22.86 50.87
CA TYR A 84 17.65 -23.28 49.90
C TYR A 84 19.04 -23.03 50.45
N PRO A 85 20.06 -23.67 49.89
CA PRO A 85 21.38 -23.70 50.54
C PRO A 85 21.97 -22.34 50.89
N LEU A 86 22.16 -21.47 49.90
CA LEU A 86 22.97 -20.28 50.08
C LEU A 86 22.08 -19.05 50.13
N HIS A 87 22.25 -18.25 51.19
CA HIS A 87 21.45 -17.04 51.40
C HIS A 87 22.31 -15.80 51.58
N GLN A 88 23.64 -15.94 51.51
CA GLN A 88 24.54 -14.88 51.95
C GLN A 88 24.78 -13.80 50.90
N LEU A 89 24.27 -13.96 49.68
CA LEU A 89 24.48 -12.97 48.63
C LEU A 89 23.30 -12.05 48.41
N LEU A 90 22.07 -12.55 48.54
CA LEU A 90 20.89 -11.76 48.22
C LEU A 90 20.80 -10.53 49.12
N GLN A 91 20.58 -10.75 50.42
CA GLN A 91 20.61 -9.70 51.42
C GLN A 91 19.49 -8.68 51.26
N ASP A 92 18.69 -8.78 50.21
CA ASP A 92 17.58 -7.86 50.01
C ASP A 92 16.82 -8.29 48.76
N GLU A 93 15.69 -7.62 48.52
CA GLU A 93 14.83 -7.90 47.38
C GLU A 93 14.99 -6.92 46.24
N SER A 94 15.39 -5.69 46.52
CA SER A 94 15.59 -4.69 45.48
C SER A 94 16.90 -4.96 44.77
N SER A 95 17.34 -4.02 43.94
CA SER A 95 18.60 -4.12 43.19
C SER A 95 18.58 -5.26 42.18
N TYR A 96 17.40 -5.56 41.63
CA TYR A 96 17.25 -6.64 40.66
C TYR A 96 16.25 -6.24 39.60
N ILE A 97 16.34 -6.89 38.44
CA ILE A 97 15.53 -6.52 37.29
C ILE A 97 14.62 -7.63 36.79
N PHE A 98 14.85 -8.88 37.17
CA PHE A 98 13.91 -9.96 36.88
C PHE A 98 13.82 -10.23 35.37
N VAL A 99 14.98 -10.55 34.78
CA VAL A 99 15.08 -10.75 33.34
C VAL A 99 14.49 -12.09 32.94
N SER A 100 14.08 -12.20 31.67
CA SER A 100 13.59 -13.45 31.09
C SER A 100 13.73 -13.37 29.58
N VAL A 101 13.10 -14.29 28.86
CA VAL A 101 13.20 -14.40 27.41
C VAL A 101 11.81 -14.37 26.80
N THR A 102 11.63 -13.55 25.77
CA THR A 102 10.34 -13.34 25.13
C THR A 102 10.18 -14.21 23.90
N GLN A 103 8.94 -14.26 23.39
CA GLN A 103 8.64 -15.10 22.24
C GLN A 103 9.34 -14.61 20.98
N GLU A 104 9.57 -13.30 20.86
CA GLU A 104 10.31 -12.78 19.72
C GLU A 104 11.78 -13.17 19.75
N ALA A 105 12.20 -13.99 20.70
CA ALA A 105 13.55 -14.54 20.77
C ALA A 105 14.56 -13.49 21.23
N GLU A 106 14.16 -12.57 22.08
CA GLU A 106 15.05 -11.53 22.58
C GLU A 106 14.91 -11.41 24.08
N ARG A 107 16.03 -11.09 24.75
CA ARG A 107 16.07 -11.04 26.20
C ARG A 107 15.54 -9.70 26.69
N GLU A 108 14.62 -9.74 27.65
CA GLU A 108 13.99 -8.55 28.20
C GLU A 108 14.36 -8.38 29.67
N GLU A 109 14.70 -7.15 30.06
CA GLU A 109 15.17 -6.87 31.40
C GLU A 109 14.05 -6.62 32.41
N PHE A 110 12.84 -6.37 31.95
CA PHE A 110 11.65 -6.35 32.80
C PHE A 110 11.82 -5.40 34.00
N PHE A 111 12.19 -4.16 33.71
CA PHE A 111 12.16 -3.14 34.76
C PHE A 111 10.75 -2.84 35.23
N ASP A 112 9.81 -2.73 34.29
CA ASP A 112 8.45 -2.37 34.64
C ASP A 112 7.84 -3.55 35.41
N GLU A 113 7.99 -3.52 36.73
CA GLU A 113 7.59 -4.60 37.60
C GLU A 113 6.07 -4.72 37.73
N THR A 114 5.32 -3.74 37.23
CA THR A 114 3.88 -3.76 37.34
C THR A 114 3.22 -4.79 36.45
N ARG A 115 3.78 -5.04 35.26
CA ARG A 115 3.12 -5.89 34.29
C ARG A 115 2.82 -7.27 34.87
N ARG A 116 1.58 -7.72 34.69
CA ARG A 116 1.18 -9.03 35.16
C ARG A 116 1.84 -10.12 34.33
N LEU A 117 2.14 -11.25 34.98
CA LEU A 117 2.81 -12.34 34.29
C LEU A 117 2.02 -12.84 33.08
N CYS A 118 0.72 -12.58 33.05
CA CYS A 118 -0.09 -13.08 31.94
C CYS A 118 0.33 -12.47 30.61
N ASP A 119 0.59 -11.17 30.57
CA ASP A 119 0.84 -10.46 29.33
C ASP A 119 2.33 -10.21 29.07
N LEU A 120 3.18 -11.06 29.62
CA LEU A 120 4.62 -10.96 29.39
C LEU A 120 5.05 -11.57 28.07
N ARG A 121 4.21 -12.40 27.45
CA ARG A 121 4.56 -13.07 26.20
C ARG A 121 5.85 -13.88 26.35
N LEU A 122 6.00 -14.54 27.50
CA LEU A 122 7.19 -15.34 27.74
C LEU A 122 7.26 -16.51 26.77
N PHE A 123 8.46 -16.76 26.24
CA PHE A 123 8.65 -17.94 25.39
C PHE A 123 8.50 -19.22 26.19
N GLN A 124 9.19 -19.31 27.32
CA GLN A 124 9.14 -20.45 28.21
C GLN A 124 9.04 -19.92 29.63
N PRO A 125 8.38 -20.66 30.52
CA PRO A 125 8.29 -20.19 31.92
C PRO A 125 9.59 -20.38 32.65
N PHE A 126 10.33 -19.29 32.85
CA PHE A 126 11.58 -19.32 33.61
C PHE A 126 12.01 -17.87 33.81
N LEU A 127 12.74 -17.64 34.89
CA LEU A 127 13.07 -16.27 35.28
C LEU A 127 14.47 -16.24 35.86
N LYS A 128 15.12 -15.09 35.72
CA LYS A 128 16.48 -14.89 36.21
C LYS A 128 16.54 -13.54 36.91
N VAL A 129 17.46 -13.42 37.87
CA VAL A 129 17.58 -12.24 38.71
C VAL A 129 18.97 -11.65 38.50
N ILE A 130 19.01 -10.37 38.11
CA ILE A 130 20.27 -9.68 37.82
C ILE A 130 20.24 -8.29 38.45
N GLU A 131 21.43 -7.73 38.64
CA GLU A 131 21.54 -6.35 39.07
C GLU A 131 21.12 -5.41 37.94
N PRO A 132 20.29 -4.42 38.20
CA PRO A 132 19.77 -3.58 37.10
C PRO A 132 20.90 -2.89 36.36
N VAL A 133 20.75 -2.82 35.04
CA VAL A 133 21.72 -2.15 34.17
C VAL A 133 20.95 -1.37 33.12
N GLY A 134 21.42 -0.17 32.82
CA GLY A 134 20.80 0.68 31.82
C GLY A 134 20.09 1.86 32.47
N ASN A 135 19.44 2.64 31.61
CA ASN A 135 18.73 3.84 32.06
C ASN A 135 17.40 3.50 32.73
N ARG A 136 16.72 2.44 32.27
CA ARG A 136 15.42 2.06 32.78
C ARG A 136 14.34 3.01 32.31
N GLU A 137 14.74 4.11 31.68
CA GLU A 137 13.81 5.02 31.03
C GLU A 137 13.86 4.92 29.52
N GLU A 138 15.04 4.73 28.96
CA GLU A 138 15.15 4.53 27.52
C GLU A 138 14.70 3.14 27.09
N LYS A 139 14.69 2.18 28.01
CA LYS A 139 14.27 0.84 27.65
C LYS A 139 13.07 0.35 28.47
N ILE A 140 12.41 1.24 29.20
CA ILE A 140 10.98 1.04 29.44
C ILE A 140 10.19 1.59 28.27
N LEU A 141 10.74 2.58 27.57
CA LEU A 141 10.13 3.08 26.34
C LEU A 141 10.35 2.10 25.19
N ASN A 142 11.56 1.54 25.08
CA ASN A 142 11.85 0.65 23.98
C ASN A 142 10.99 -0.60 24.01
N ARG A 143 10.31 -0.87 25.12
CA ARG A 143 9.35 -1.96 25.17
C ARG A 143 7.99 -1.55 24.62
N GLU A 144 7.59 -0.29 24.84
CA GLU A 144 6.35 0.20 24.27
C GLU A 144 6.50 0.51 22.79
N ILE A 145 7.68 1.01 22.39
CA ILE A 145 7.93 1.25 20.98
C ILE A 145 7.93 -0.05 20.21
N GLY A 146 8.55 -1.08 20.74
CA GLY A 146 8.62 -2.35 20.04
C GLY A 146 7.39 -3.20 20.09
N PHE A 147 6.39 -2.82 20.87
CA PHE A 147 5.12 -3.53 20.88
C PHE A 147 4.15 -2.96 19.85
N ALA A 148 4.20 -1.65 19.62
CA ALA A 148 3.38 -1.05 18.58
C ALA A 148 3.91 -1.38 17.20
N ILE A 149 5.23 -1.27 17.00
CA ILE A 149 5.81 -1.59 15.70
C ILE A 149 5.63 -3.07 15.38
N GLY A 150 5.51 -3.90 16.40
CA GLY A 150 5.34 -5.33 16.19
C GLY A 150 6.61 -6.14 16.22
N MET A 151 7.77 -5.50 16.33
CA MET A 151 9.04 -6.20 16.39
C MET A 151 9.99 -5.48 17.35
N PRO A 152 10.95 -6.20 17.92
CA PRO A 152 11.80 -5.60 18.96
C PRO A 152 12.65 -4.47 18.41
N VAL A 153 12.86 -3.45 19.23
CA VAL A 153 13.71 -2.34 18.83
C VAL A 153 15.17 -2.75 18.84
N CYS A 154 15.54 -3.76 19.62
CA CYS A 154 16.91 -4.22 19.67
C CYS A 154 17.39 -4.78 18.34
N GLU A 155 16.48 -5.15 17.45
CA GLU A 155 16.87 -5.71 16.16
C GLU A 155 17.59 -4.69 15.28
N PHE A 156 17.17 -3.43 15.31
CA PHE A 156 17.86 -2.42 14.51
C PHE A 156 19.29 -2.20 14.96
N ASP A 157 19.64 -2.61 16.18
CA ASP A 157 21.01 -2.47 16.66
C ASP A 157 21.94 -3.49 16.05
N MET A 158 21.43 -4.67 15.70
CA MET A 158 22.23 -5.72 15.10
C MET A 158 22.38 -5.57 13.59
N VAL A 159 21.82 -4.52 13.02
CA VAL A 159 21.93 -4.25 11.59
C VAL A 159 23.18 -3.42 11.36
N LYS A 160 24.16 -4.01 10.69
CA LYS A 160 25.46 -3.39 10.47
C LYS A 160 25.52 -2.55 9.21
N ASP A 161 24.42 -2.40 8.49
CA ASP A 161 24.41 -1.54 7.32
C ASP A 161 24.75 -0.12 7.73
N PRO A 162 25.76 0.52 7.13
CA PRO A 162 26.04 1.91 7.48
C PRO A 162 24.90 2.85 7.17
N GLU A 163 24.08 2.56 6.16
CA GLU A 163 22.97 3.44 5.82
C GLU A 163 21.84 3.30 6.82
N VAL A 164 21.58 2.09 7.29
CA VAL A 164 20.52 1.88 8.27
C VAL A 164 20.83 2.63 9.55
N GLN A 165 22.09 2.65 9.97
CA GLN A 165 22.48 3.31 11.19
C GLN A 165 22.65 4.81 11.04
N ASP A 166 22.89 5.31 9.82
CA ASP A 166 22.92 6.75 9.61
C ASP A 166 21.52 7.33 9.58
N PHE A 167 20.53 6.56 9.12
CA PHE A 167 19.15 7.02 9.16
C PHE A 167 18.64 7.13 10.58
N ARG A 168 18.97 6.14 11.41
CA ARG A 168 18.49 6.15 12.79
C ARG A 168 19.03 7.35 13.56
N ARG A 169 20.19 7.87 13.18
CA ARG A 169 20.78 8.98 13.90
C ARG A 169 20.43 10.33 13.29
N ASN A 170 20.42 10.42 11.96
CA ASN A 170 20.15 11.70 11.32
C ASN A 170 18.68 12.06 11.33
N ILE A 171 17.79 11.07 11.30
CA ILE A 171 16.37 11.36 11.28
C ILE A 171 15.90 11.97 12.59
N LEU A 172 16.76 12.02 13.61
CA LEU A 172 16.37 12.63 14.87
C LEU A 172 16.39 14.15 14.82
N ASN A 173 16.95 14.75 13.77
CA ASN A 173 16.86 16.20 13.61
C ASN A 173 15.41 16.61 13.38
N VAL A 174 14.68 15.88 12.53
CA VAL A 174 13.30 16.23 12.29
C VAL A 174 12.46 15.99 13.54
N CYS A 175 12.79 14.96 14.32
CA CYS A 175 12.05 14.70 15.54
C CYS A 175 12.20 15.86 16.52
N LYS A 176 13.42 16.41 16.64
CA LYS A 176 13.63 17.55 17.54
C LYS A 176 12.84 18.77 17.06
N GLU A 177 12.96 19.09 15.77
CA GLU A 177 12.30 20.28 15.25
C GLU A 177 10.79 20.17 15.38
N ALA A 178 10.23 19.00 15.07
CA ALA A 178 8.80 18.80 15.21
C ALA A 178 8.36 18.96 16.66
N VAL A 179 9.11 18.34 17.58
CA VAL A 179 8.77 18.46 19.00
C VAL A 179 8.94 19.90 19.47
N ASP A 180 10.03 20.55 19.05
CA ASP A 180 10.24 21.94 19.44
C ASP A 180 9.11 22.83 18.92
N LEU A 181 8.70 22.63 17.68
CA LEU A 181 7.62 23.43 17.11
C LEU A 181 6.35 23.28 17.94
N ARG A 182 6.16 22.11 18.55
CA ARG A 182 5.01 21.91 19.42
C ARG A 182 5.12 22.67 20.72
N ASP A 183 6.26 23.31 21.00
CA ASP A 183 6.43 24.13 22.19
C ASP A 183 6.99 25.47 21.71
N LEU A 184 6.10 26.33 21.22
CA LEU A 184 6.49 27.63 20.70
C LEU A 184 5.75 28.77 21.38
N ASN A 185 4.42 28.66 21.49
CA ASN A 185 3.60 29.76 21.95
C ASN A 185 3.03 29.52 23.35
N SER A 186 2.37 28.39 23.55
CA SER A 186 1.63 28.17 24.78
C SER A 186 1.23 26.70 24.88
N PRO A 187 0.52 26.30 25.93
CA PRO A 187 -0.22 25.03 25.87
C PRO A 187 -1.07 24.95 24.61
N HIS A 188 -1.41 26.10 24.05
CA HIS A 188 -2.22 26.13 22.84
C HIS A 188 -1.55 25.35 21.71
N SER A 189 -0.25 25.55 21.51
CA SER A 189 0.46 24.76 20.50
C SER A 189 0.40 23.28 20.81
N ARG A 190 0.28 22.92 22.09
CA ARG A 190 0.10 21.52 22.44
C ARG A 190 -1.28 21.02 22.03
N ALA A 191 -2.30 21.85 22.20
CA ALA A 191 -3.65 21.45 21.81
C ALA A 191 -3.78 21.30 20.31
N MET A 192 -3.19 22.23 19.56
CA MET A 192 -3.30 22.16 18.10
C MET A 192 -2.70 20.88 17.56
N TYR A 193 -1.76 20.28 18.28
CA TYR A 193 -1.20 19.01 17.86
C TYR A 193 -2.17 17.86 18.13
N VAL A 194 -2.85 17.90 19.26
CA VAL A 194 -3.69 16.78 19.66
C VAL A 194 -5.09 16.89 19.08
N TYR A 195 -5.56 18.10 18.81
CA TYR A 195 -6.91 18.34 18.29
C TYR A 195 -6.81 19.26 17.07
N PRO A 196 -6.28 18.76 15.97
CA PRO A 196 -6.02 19.62 14.82
C PRO A 196 -7.33 20.06 14.18
N PRO A 197 -7.47 21.35 13.89
CA PRO A 197 -8.70 21.82 13.24
C PRO A 197 -9.03 21.03 12.00
N ASN A 198 -10.17 20.36 11.99
CA ASN A 198 -10.63 19.61 10.83
C ASN A 198 -11.36 20.56 9.90
N VAL A 199 -10.59 21.44 9.27
CA VAL A 199 -11.12 22.47 8.39
C VAL A 199 -11.01 22.00 6.96
N GLU A 200 -11.67 22.71 6.06
CA GLU A 200 -11.56 22.48 4.64
C GLU A 200 -10.63 23.51 4.02
N SER A 201 -10.11 23.20 2.84
CA SER A 201 -9.24 24.13 2.12
C SER A 201 -10.03 25.01 1.18
N SER A 202 -11.11 25.61 1.67
CA SER A 202 -11.95 26.46 0.85
C SER A 202 -12.84 27.34 1.69
N PRO A 203 -12.38 28.53 2.10
CA PRO A 203 -13.28 29.44 2.82
C PRO A 203 -14.50 29.83 2.02
N GLU A 204 -14.39 29.92 0.69
CA GLU A 204 -15.55 30.24 -0.14
C GLU A 204 -16.42 29.00 -0.33
N LEU A 205 -17.74 29.20 -0.25
CA LEU A 205 -18.66 28.10 -0.31
C LEU A 205 -19.20 27.91 -1.72
N PRO A 206 -19.44 26.67 -2.14
CA PRO A 206 -20.15 26.45 -3.39
C PRO A 206 -21.53 27.12 -3.35
N LYS A 207 -21.96 27.62 -4.51
CA LYS A 207 -23.21 28.36 -4.56
C LYS A 207 -24.40 27.50 -4.13
N HIS A 208 -24.45 26.25 -4.57
CA HIS A 208 -25.64 25.45 -4.34
C HIS A 208 -25.84 25.17 -2.85
N ILE A 209 -24.77 25.15 -2.06
CA ILE A 209 -24.93 25.00 -0.61
C ILE A 209 -25.18 26.36 0.03
N TYR A 210 -24.49 27.40 -0.44
CA TYR A 210 -24.72 28.72 0.09
C TYR A 210 -26.19 29.09 0.04
N ASN A 211 -26.91 28.63 -0.99
CA ASN A 211 -28.34 28.86 -1.07
C ASN A 211 -29.11 28.16 0.03
N LYS A 212 -28.55 27.08 0.60
CA LYS A 212 -29.21 26.39 1.70
C LYS A 212 -29.34 27.26 2.95
N LEU A 213 -28.53 28.31 3.05
CA LEU A 213 -28.59 29.25 4.15
C LEU A 213 -29.65 30.31 3.89
N ASP A 214 -30.43 30.64 4.92
CA ASP A 214 -31.49 31.64 4.78
C ASP A 214 -30.88 33.02 4.97
N LYS A 215 -30.59 33.67 3.84
CA LYS A 215 -29.98 34.99 3.83
C LYS A 215 -28.56 34.95 4.41
N GLY A 216 -27.83 33.87 4.11
CA GLY A 216 -26.46 33.72 4.57
C GLY A 216 -26.30 33.57 6.07
N GLN A 217 -27.18 32.80 6.72
CA GLN A 217 -27.11 32.60 8.15
C GLN A 217 -27.45 31.16 8.49
N ILE A 218 -26.85 30.66 9.56
CA ILE A 218 -27.03 29.28 10.01
C ILE A 218 -27.41 29.30 11.49
N ILE A 219 -28.34 28.41 11.85
CA ILE A 219 -28.83 28.31 13.23
C ILE A 219 -28.14 27.12 13.89
N VAL A 220 -27.48 27.37 15.01
CA VAL A 220 -26.77 26.34 15.76
C VAL A 220 -27.33 26.30 17.17
N VAL A 221 -27.10 25.17 17.84
CA VAL A 221 -27.51 24.97 19.22
C VAL A 221 -26.25 24.83 20.08
N ILE A 222 -26.22 25.57 21.17
CA ILE A 222 -25.08 25.59 22.08
C ILE A 222 -25.52 25.00 23.41
N TRP A 223 -24.72 24.08 23.94
CA TRP A 223 -25.00 23.43 25.21
C TRP A 223 -23.98 23.86 26.25
N VAL A 224 -24.46 24.23 27.43
CA VAL A 224 -23.61 24.59 28.57
C VAL A 224 -23.95 23.66 29.72
N ILE A 225 -22.92 23.11 30.35
CA ILE A 225 -23.10 22.19 31.47
C ILE A 225 -23.09 22.99 32.76
N VAL A 226 -24.11 22.76 33.60
CA VAL A 226 -24.31 23.52 34.83
C VAL A 226 -23.81 22.69 36.01
N SER A 227 -23.07 23.33 36.90
CA SER A 227 -22.41 22.64 38.00
C SER A 227 -23.34 21.74 38.81
N PRO A 228 -24.53 22.19 39.22
CA PRO A 228 -25.41 21.32 40.00
C PRO A 228 -25.85 20.10 39.22
N ASN A 229 -25.36 18.92 39.61
CA ASN A 229 -25.67 17.64 38.98
C ASN A 229 -25.20 17.56 37.53
N ASN A 230 -24.51 18.58 37.02
CA ASN A 230 -24.07 18.61 35.62
C ASN A 230 -25.26 18.51 34.68
N ASP A 231 -26.15 19.49 34.79
CA ASP A 231 -27.32 19.58 33.93
C ASP A 231 -27.00 20.41 32.70
N LYS A 232 -27.77 20.18 31.64
CA LYS A 232 -27.47 20.72 30.32
C LYS A 232 -28.41 21.86 29.97
N GLN A 233 -27.87 22.87 29.29
CA GLN A 233 -28.65 23.98 28.76
C GLN A 233 -28.55 23.98 27.24
N LYS A 234 -29.60 24.47 26.60
CA LYS A 234 -29.65 24.56 25.14
C LYS A 234 -29.87 26.02 24.76
N TYR A 235 -29.00 26.54 23.89
CA TYR A 235 -29.05 27.94 23.46
C TYR A 235 -29.12 27.97 21.95
N THR A 236 -30.33 28.00 21.39
CA THR A 236 -30.46 28.16 19.95
C THR A 236 -29.90 29.51 19.54
N LEU A 237 -29.30 29.56 18.35
CA LEU A 237 -28.48 30.69 17.99
C LEU A 237 -28.42 30.83 16.48
N LYS A 238 -28.41 32.08 16.02
CA LYS A 238 -28.41 32.39 14.60
C LYS A 238 -27.27 33.37 14.32
N ILE A 239 -26.43 33.02 13.35
CA ILE A 239 -25.19 33.73 13.08
C ILE A 239 -24.83 33.58 11.61
N ASN A 240 -23.96 34.45 11.12
CA ASN A 240 -23.48 34.37 9.75
C ASN A 240 -22.57 33.17 9.59
N HIS A 241 -22.52 32.64 8.37
CA HIS A 241 -21.71 31.46 8.11
C HIS A 241 -20.22 31.74 8.33
N ASP A 242 -19.75 32.93 7.95
CA ASP A 242 -18.32 33.24 7.99
C ASP A 242 -17.94 33.99 9.27
N CYS A 243 -18.29 33.40 10.41
CA CYS A 243 -17.96 33.96 11.71
C CYS A 243 -16.97 33.04 12.41
N VAL A 244 -15.87 33.62 12.90
CA VAL A 244 -14.82 32.84 13.55
C VAL A 244 -15.36 32.26 14.85
N PRO A 245 -14.84 31.13 15.32
CA PRO A 245 -15.37 30.55 16.56
C PRO A 245 -15.28 31.49 17.74
N GLU A 246 -14.32 32.41 17.75
CA GLU A 246 -14.17 33.31 18.88
C GLU A 246 -15.43 34.14 19.09
N GLN A 247 -15.93 34.76 18.03
CA GLN A 247 -17.09 35.63 18.19
C GLN A 247 -18.39 34.84 18.33
N VAL A 248 -18.42 33.61 17.84
CA VAL A 248 -19.57 32.74 18.10
C VAL A 248 -19.70 32.50 19.60
N ILE A 249 -18.58 32.23 20.27
CA ILE A 249 -18.60 31.98 21.70
C ILE A 249 -19.04 33.22 22.45
N ALA A 250 -18.45 34.37 22.11
CA ALA A 250 -18.71 35.60 22.85
C ALA A 250 -20.19 35.98 22.80
N GLU A 251 -20.74 36.05 21.60
CA GLU A 251 -22.14 36.42 21.47
C GLU A 251 -23.07 35.37 22.05
N ALA A 252 -22.64 34.10 22.07
CA ALA A 252 -23.43 33.09 22.76
C ALA A 252 -23.54 33.42 24.24
N ILE A 253 -22.53 34.09 24.80
CA ILE A 253 -22.56 34.46 26.21
C ILE A 253 -23.62 35.53 26.46
N ARG A 254 -23.79 36.46 25.51
CA ARG A 254 -24.80 37.50 25.66
C ARG A 254 -26.16 36.88 25.94
N LYS A 255 -26.55 35.90 25.14
CA LYS A 255 -27.82 35.22 25.38
C LYS A 255 -27.83 34.50 26.72
N LYS A 256 -26.66 34.18 27.26
CA LYS A 256 -26.60 33.57 28.59
C LYS A 256 -27.11 34.53 29.66
N THR A 257 -26.73 35.80 29.55
CA THR A 257 -27.17 36.83 30.49
C THR A 257 -26.87 36.45 31.93
N GLN A 275 -14.00 34.54 25.66
CA GLN A 275 -12.86 35.37 26.02
C GLN A 275 -11.59 34.52 26.06
N GLY A 276 -10.97 34.47 27.24
CA GLY A 276 -9.79 33.66 27.46
C GLY A 276 -10.09 32.22 27.80
N LYS A 277 -11.36 31.82 27.82
CA LYS A 277 -11.74 30.44 28.12
C LYS A 277 -12.91 30.08 27.21
N TYR A 278 -13.50 28.92 27.45
CA TYR A 278 -14.67 28.46 26.71
C TYR A 278 -14.36 28.30 25.22
N ILE A 279 -13.54 27.30 24.93
CA ILE A 279 -13.39 26.84 23.55
C ILE A 279 -14.62 26.03 23.16
N LEU A 280 -14.91 25.98 21.86
CA LEU A 280 -16.06 25.27 21.34
C LEU A 280 -15.72 23.81 21.08
N LYS A 281 -16.70 22.94 21.23
CA LYS A 281 -16.51 21.52 21.04
C LYS A 281 -17.74 20.93 20.35
N VAL A 282 -17.55 19.79 19.70
CA VAL A 282 -18.60 19.11 18.95
C VAL A 282 -19.23 18.07 19.87
N CYS A 283 -20.53 18.20 20.11
CA CYS A 283 -21.22 17.24 20.95
C CYS A 283 -21.10 15.84 20.36
N GLY A 284 -20.76 14.87 21.20
CA GLY A 284 -20.47 13.53 20.72
C GLY A 284 -18.99 13.26 20.64
N CYS A 285 -18.41 13.39 19.44
CA CYS A 285 -17.02 13.05 19.23
C CYS A 285 -16.10 14.08 19.87
N ASP A 286 -14.79 13.88 19.69
CA ASP A 286 -13.74 14.77 20.20
C ASP A 286 -13.25 15.63 19.05
N GLU A 287 -13.95 16.74 18.80
CA GLU A 287 -13.53 17.73 17.83
C GLU A 287 -13.64 19.10 18.45
N TYR A 288 -12.65 19.96 18.20
CA TYR A 288 -12.59 21.26 18.84
C TYR A 288 -12.34 22.34 17.80
N PHE A 289 -12.97 23.49 18.01
CA PHE A 289 -12.83 24.66 17.14
C PHE A 289 -11.84 25.61 17.80
N LEU A 290 -10.55 25.33 17.64
CA LEU A 290 -9.51 26.12 18.28
C LEU A 290 -8.94 27.17 17.33
N GLU A 291 -8.59 26.78 16.11
CA GLU A 291 -7.97 27.72 15.18
C GLU A 291 -9.00 28.67 14.61
N LYS A 292 -8.53 29.83 14.16
CA LYS A 292 -9.41 30.90 13.68
C LYS A 292 -9.76 30.64 12.22
N TYR A 293 -10.95 30.11 11.99
CA TYR A 293 -11.50 29.89 10.67
C TYR A 293 -12.98 30.25 10.69
N PRO A 294 -13.55 30.59 9.53
CA PRO A 294 -15.00 30.80 9.48
C PRO A 294 -15.73 29.54 9.92
N LEU A 295 -16.82 29.73 10.66
CA LEU A 295 -17.50 28.59 11.24
C LEU A 295 -17.91 27.58 10.18
N SER A 296 -18.23 28.06 8.97
CA SER A 296 -18.57 27.16 7.88
C SER A 296 -17.34 26.49 7.28
N GLN A 297 -16.14 26.93 7.65
CA GLN A 297 -14.92 26.33 7.13
C GLN A 297 -14.75 24.88 7.61
N TYR A 298 -15.13 24.61 8.85
CA TYR A 298 -14.89 23.29 9.43
C TYR A 298 -15.69 22.22 8.72
N LYS A 299 -15.15 21.01 8.71
CA LYS A 299 -15.81 19.90 8.02
C LYS A 299 -17.13 19.55 8.67
N TYR A 300 -17.20 19.56 10.00
CA TYR A 300 -18.44 19.20 10.68
C TYR A 300 -19.54 20.21 10.36
N ILE A 301 -19.21 21.49 10.40
CA ILE A 301 -20.23 22.52 10.17
C ILE A 301 -20.71 22.48 8.73
N ARG A 302 -19.79 22.34 7.77
CA ARG A 302 -20.20 22.34 6.37
C ARG A 302 -21.15 21.19 6.07
N SER A 303 -20.87 20.01 6.62
CA SER A 303 -21.74 18.88 6.33
C SER A 303 -23.15 19.10 6.86
N CYS A 304 -23.28 19.63 8.07
CA CYS A 304 -24.61 19.92 8.60
C CYS A 304 -25.41 20.78 7.64
N ILE A 305 -24.76 21.79 7.06
CA ILE A 305 -25.45 22.65 6.10
C ILE A 305 -25.93 21.82 4.91
N MET A 306 -25.07 20.96 4.39
CA MET A 306 -25.45 20.15 3.23
C MET A 306 -26.59 19.21 3.56
N LEU A 307 -26.53 18.55 4.71
CA LEU A 307 -27.51 17.53 5.06
C LEU A 307 -28.73 18.10 5.78
N GLY A 308 -28.80 19.41 5.96
CA GLY A 308 -29.95 20.01 6.61
C GLY A 308 -30.12 19.55 8.04
N ARG A 309 -29.04 19.55 8.81
CA ARG A 309 -29.07 19.18 10.21
C ARG A 309 -28.77 20.41 11.07
N MET A 310 -29.15 20.33 12.34
CA MET A 310 -28.93 21.43 13.26
C MET A 310 -27.55 21.29 13.89
N PRO A 311 -26.61 22.18 13.59
CA PRO A 311 -25.24 22.06 14.14
C PRO A 311 -25.17 22.50 15.59
N ASN A 312 -25.45 21.56 16.49
CA ASN A 312 -25.39 21.83 17.92
C ASN A 312 -24.00 21.50 18.47
N LEU A 313 -23.45 22.45 19.22
CA LEU A 313 -22.09 22.37 19.73
C LEU A 313 -22.12 22.39 21.27
N MET A 314 -20.94 22.45 21.87
CA MET A 314 -20.78 22.47 23.31
C MET A 314 -19.76 23.54 23.66
N LEU A 315 -19.87 24.09 24.87
CA LEU A 315 -18.94 25.10 25.35
C LEU A 315 -18.12 24.50 26.50
N MET A 316 -16.80 24.51 26.34
CA MET A 316 -15.90 23.86 27.27
C MET A 316 -14.94 24.87 27.86
N ALA A 317 -14.76 24.81 29.18
CA ALA A 317 -13.79 25.69 29.83
C ALA A 317 -12.40 25.42 29.29
N LYS A 318 -11.69 26.50 28.93
CA LYS A 318 -10.41 26.34 28.25
C LYS A 318 -9.42 25.55 29.08
N GLU A 319 -9.32 25.81 30.38
CA GLU A 319 -8.38 25.10 31.22
C GLU A 319 -8.76 23.65 31.45
N SER A 320 -10.02 23.28 31.19
CA SER A 320 -10.40 21.88 31.28
C SER A 320 -9.73 21.06 30.20
N LEU A 321 -9.66 21.60 28.98
CA LEU A 321 -8.97 20.89 27.91
C LEU A 321 -7.46 20.85 28.14
N TYR A 322 -6.87 21.96 28.59
CA TYR A 322 -5.45 22.00 28.82
C TYR A 322 -5.02 20.99 29.88
N SER A 323 -5.89 20.74 30.87
CA SER A 323 -5.54 19.79 31.93
C SER A 323 -5.37 18.38 31.36
N GLN A 324 -6.25 17.98 30.44
CA GLN A 324 -6.12 16.67 29.83
C GLN A 324 -4.81 16.52 29.08
N LEU A 325 -4.24 17.63 28.63
CA LEU A 325 -3.00 17.58 27.85
C LEU A 325 -1.86 17.07 28.72
N PRO A 326 -1.14 16.04 28.30
CA PRO A 326 0.01 15.56 29.06
C PRO A 326 1.30 16.26 28.64
N MET A 327 2.22 16.34 29.58
CA MET A 327 3.52 16.91 29.31
C MET A 327 4.37 15.94 28.50
N ASP A 328 4.90 16.42 27.38
CA ASP A 328 5.64 15.59 26.43
C ASP A 328 7.13 15.87 26.57
N CYS A 329 7.91 14.81 26.75
CA CYS A 329 9.36 14.91 26.91
C CYS A 329 10.02 13.95 25.93
N PHE A 330 10.61 14.50 24.87
CA PHE A 330 11.31 13.71 23.87
C PHE A 330 12.78 13.64 24.27
N THR A 331 13.20 12.51 24.81
CA THR A 331 14.59 12.30 25.18
C THR A 331 15.31 11.57 24.07
N MET A 332 16.45 12.10 23.65
CA MET A 332 17.18 11.52 22.55
C MET A 332 17.64 10.10 22.89
N PRO A 333 17.54 9.16 21.96
CA PRO A 333 17.97 7.80 22.25
C PRO A 333 19.48 7.71 22.38
N SER A 334 19.92 6.57 22.92
CA SER A 334 21.35 6.37 23.15
C SER A 334 22.14 6.42 21.85
N TYR A 335 21.65 5.76 20.80
CA TYR A 335 22.40 5.66 19.57
C TYR A 335 22.65 7.02 18.91
N SER A 336 21.85 8.03 19.25
CA SER A 336 22.03 9.34 18.62
C SER A 336 23.39 9.94 18.93
N ARG A 337 24.04 9.47 20.00
CA ARG A 337 25.32 9.99 20.42
C ARG A 337 26.49 9.27 19.75
N ARG A 338 26.23 8.35 18.83
CA ARG A 338 27.27 7.58 18.19
C ARG A 338 27.27 7.77 16.68
N SER A 351 41.88 11.66 -3.08
CA SER A 351 41.74 10.21 -3.17
C SER A 351 40.45 9.84 -3.90
N THR A 352 39.48 10.75 -3.89
CA THR A 352 38.21 10.56 -4.57
C THR A 352 38.29 11.20 -5.95
N LYS A 353 37.94 10.44 -6.98
CA LYS A 353 37.94 10.91 -8.35
C LYS A 353 36.52 11.03 -8.86
N SER A 354 36.25 12.10 -9.60
CA SER A 354 34.91 12.33 -10.11
C SER A 354 34.52 11.26 -11.12
N LEU A 355 33.22 11.03 -11.23
CA LEU A 355 32.71 10.04 -12.18
C LEU A 355 33.04 10.41 -13.62
N TRP A 356 33.16 11.70 -13.92
CA TRP A 356 33.20 12.17 -15.29
C TRP A 356 34.60 12.07 -15.90
N VAL A 357 35.58 11.61 -15.13
CA VAL A 357 36.94 11.44 -15.62
C VAL A 357 37.29 9.97 -15.77
N ILE A 358 36.30 9.11 -16.00
CA ILE A 358 36.52 7.69 -16.19
C ILE A 358 36.19 7.31 -17.62
N ASN A 359 37.18 7.36 -18.50
CA ASN A 359 36.97 7.06 -19.91
C ASN A 359 36.91 5.55 -20.08
N SER A 360 35.75 4.99 -19.75
CA SER A 360 35.55 3.55 -19.88
C SER A 360 34.06 3.26 -19.95
N ALA A 361 33.73 2.08 -20.45
CA ALA A 361 32.35 1.64 -20.54
C ALA A 361 31.98 0.82 -19.31
N LEU A 362 30.68 0.74 -19.04
CA LEU A 362 30.19 -0.02 -17.90
C LEU A 362 30.44 -1.50 -18.12
N ARG A 363 30.97 -2.17 -17.11
CA ARG A 363 31.31 -3.58 -17.21
C ARG A 363 31.01 -4.24 -15.87
N ILE A 364 30.34 -5.39 -15.91
CA ILE A 364 29.94 -6.10 -14.69
C ILE A 364 30.19 -7.59 -14.91
N LYS A 365 30.66 -8.26 -13.87
CA LYS A 365 31.03 -9.66 -13.94
C LYS A 365 30.09 -10.49 -13.09
N ILE A 366 29.53 -11.54 -13.68
CA ILE A 366 28.70 -12.50 -12.96
C ILE A 366 29.57 -13.65 -12.52
N LEU A 367 29.22 -14.26 -11.40
CA LEU A 367 29.93 -15.41 -10.85
C LEU A 367 28.91 -16.49 -10.50
N CYS A 368 29.35 -17.46 -9.71
CA CYS A 368 28.47 -18.58 -9.36
C CYS A 368 27.21 -18.08 -8.66
N ALA A 369 26.10 -18.76 -8.93
CA ALA A 369 24.85 -18.57 -8.21
C ALA A 369 24.66 -19.78 -7.29
N THR A 370 24.46 -19.52 -6.00
CA THR A 370 24.54 -20.60 -5.02
C THR A 370 23.58 -21.74 -5.34
N TYR A 371 22.31 -21.43 -5.53
CA TYR A 371 21.35 -22.51 -5.77
C TYR A 371 20.07 -21.95 -6.33
N VAL A 372 19.50 -22.69 -7.29
CA VAL A 372 18.24 -22.33 -7.94
C VAL A 372 17.34 -23.55 -7.92
N ASN A 373 16.10 -23.38 -7.46
CA ASN A 373 15.16 -24.48 -7.32
C ASN A 373 14.54 -24.78 -8.69
N VAL A 374 15.19 -25.69 -9.42
CA VAL A 374 14.71 -26.15 -10.70
C VAL A 374 14.82 -27.67 -10.75
N ASN A 375 14.07 -28.27 -11.67
CA ASN A 375 14.16 -29.70 -11.93
C ASN A 375 15.11 -29.93 -13.09
N ILE A 376 15.95 -30.95 -12.97
CA ILE A 376 17.05 -31.17 -13.92
C ILE A 376 16.56 -31.81 -15.20
N ARG A 377 15.24 -32.02 -15.34
CA ARG A 377 14.68 -32.58 -16.55
C ARG A 377 13.64 -31.71 -17.22
N ASP A 378 12.75 -31.08 -16.45
CA ASP A 378 11.71 -30.25 -17.04
C ASP A 378 12.25 -28.92 -17.55
N ILE A 379 13.48 -28.55 -17.18
CA ILE A 379 14.10 -27.31 -17.62
C ILE A 379 15.49 -27.63 -18.16
N ASP A 380 15.81 -27.07 -19.32
CA ASP A 380 17.07 -27.39 -19.97
C ASP A 380 18.24 -26.60 -19.38
N LYS A 381 18.20 -25.28 -19.50
CA LYS A 381 19.33 -24.46 -19.12
C LYS A 381 18.85 -23.17 -18.49
N ILE A 382 19.77 -22.45 -17.86
CA ILE A 382 19.48 -21.21 -17.17
C ILE A 382 20.51 -20.17 -17.58
N TYR A 383 20.14 -18.90 -17.42
CA TYR A 383 21.02 -17.79 -17.72
C TYR A 383 20.62 -16.62 -16.84
N VAL A 384 21.48 -15.62 -16.78
CA VAL A 384 21.24 -14.41 -15.99
C VAL A 384 20.99 -13.27 -16.94
N ARG A 385 19.84 -12.63 -16.82
CA ARG A 385 19.45 -11.50 -17.65
C ARG A 385 19.60 -10.22 -16.85
N THR A 386 20.35 -9.27 -17.39
CA THR A 386 20.65 -8.03 -16.68
C THR A 386 20.21 -6.85 -17.54
N GLY A 387 20.41 -5.65 -17.00
CA GLY A 387 20.11 -4.44 -17.75
C GLY A 387 20.15 -3.20 -16.89
N ILE A 388 20.70 -2.12 -17.42
CA ILE A 388 20.75 -0.86 -16.69
C ILE A 388 19.44 -0.13 -16.91
N TYR A 389 18.79 0.29 -15.82
CA TYR A 389 17.51 0.95 -15.89
C TYR A 389 17.58 2.29 -15.18
N HIS A 390 16.79 3.25 -15.65
CA HIS A 390 16.63 4.54 -14.98
C HIS A 390 15.13 4.77 -14.85
N GLY A 391 14.57 4.35 -13.74
CA GLY A 391 13.12 4.35 -13.59
C GLY A 391 12.54 3.04 -14.09
N GLY A 392 11.75 3.11 -15.14
CA GLY A 392 11.18 1.92 -15.73
C GLY A 392 11.72 1.64 -17.12
N GLU A 393 12.53 2.56 -17.64
CA GLU A 393 13.01 2.49 -19.02
C GLU A 393 14.47 2.11 -19.05
N PRO A 394 14.89 1.21 -19.94
CA PRO A 394 16.30 0.85 -20.01
C PRO A 394 17.16 2.04 -20.44
N LEU A 395 18.35 2.14 -19.85
CA LEU A 395 19.33 3.10 -20.33
C LEU A 395 20.12 2.57 -21.51
N CYS A 396 20.08 1.26 -21.75
CA CYS A 396 20.77 0.63 -22.86
C CYS A 396 20.05 -0.68 -23.16
N ASP A 397 20.67 -1.51 -24.00
CA ASP A 397 20.08 -2.79 -24.36
C ASP A 397 20.43 -3.85 -23.33
N ASN A 398 19.44 -4.66 -22.96
CA ASN A 398 19.66 -5.69 -21.97
C ASN A 398 20.68 -6.71 -22.47
N VAL A 399 21.49 -7.23 -21.55
CA VAL A 399 22.52 -8.20 -21.85
C VAL A 399 22.16 -9.51 -21.18
N ASN A 400 22.68 -10.61 -21.70
CA ASN A 400 22.46 -11.94 -21.15
C ASN A 400 23.79 -12.64 -20.95
N THR A 401 23.73 -13.78 -20.27
CA THR A 401 24.86 -14.68 -20.10
C THR A 401 24.57 -15.99 -20.82
N GLN A 402 25.64 -16.73 -21.10
CA GLN A 402 25.50 -17.98 -21.82
C GLN A 402 24.60 -18.94 -21.05
N ARG A 403 23.77 -19.68 -21.77
CA ARG A 403 22.98 -20.72 -21.12
C ARG A 403 23.91 -21.79 -20.56
N VAL A 404 23.61 -22.23 -19.34
CA VAL A 404 24.37 -23.33 -18.72
C VAL A 404 23.39 -24.28 -18.07
N PRO A 405 23.82 -25.54 -17.89
CA PRO A 405 22.94 -26.52 -17.28
C PRO A 405 22.55 -26.09 -15.88
N CYS A 406 21.31 -26.41 -15.49
CA CYS A 406 20.83 -26.00 -14.19
C CYS A 406 21.34 -26.93 -13.11
N SER A 407 22.64 -27.21 -13.14
CA SER A 407 23.28 -28.03 -12.11
C SER A 407 24.56 -27.35 -11.66
N ASN A 408 25.15 -26.54 -12.53
CA ASN A 408 26.41 -25.85 -12.27
C ASN A 408 26.30 -24.41 -12.74
N PRO A 409 25.59 -23.57 -12.00
CA PRO A 409 25.43 -22.14 -12.36
C PRO A 409 26.68 -21.32 -12.03
N ARG A 410 27.64 -21.32 -12.97
CA ARG A 410 28.92 -20.67 -12.70
C ARG A 410 29.03 -19.29 -13.35
N TRP A 411 28.90 -19.19 -14.66
CA TRP A 411 28.87 -17.91 -15.37
C TRP A 411 30.05 -17.03 -14.97
N ASN A 412 31.27 -17.43 -15.35
CA ASN A 412 32.39 -16.52 -15.12
C ASN A 412 32.52 -15.57 -16.31
N GLU A 413 31.57 -14.67 -16.47
CA GLU A 413 31.50 -13.78 -17.62
C GLU A 413 31.71 -12.35 -17.18
N TRP A 414 32.07 -11.50 -18.15
CA TRP A 414 32.23 -10.06 -17.93
C TRP A 414 31.27 -9.36 -18.88
N LEU A 415 30.05 -9.12 -18.42
CA LEU A 415 29.04 -8.50 -19.26
C LEU A 415 29.46 -7.09 -19.63
N ASN A 416 29.21 -6.73 -20.88
CA ASN A 416 29.54 -5.41 -21.40
C ASN A 416 28.26 -4.65 -21.73
N TYR A 417 28.20 -3.40 -21.32
CA TYR A 417 27.04 -2.56 -21.52
C TYR A 417 27.40 -1.39 -22.43
N ASP A 418 26.45 -0.97 -23.25
CA ASP A 418 26.70 0.00 -24.30
C ASP A 418 26.70 1.44 -23.80
N ILE A 419 26.96 1.64 -22.51
CA ILE A 419 26.90 2.96 -21.90
C ILE A 419 28.23 3.26 -21.23
N TYR A 420 28.70 4.49 -21.38
CA TYR A 420 29.92 4.91 -20.71
C TYR A 420 29.67 5.22 -19.25
N ILE A 421 30.73 5.11 -18.44
CA ILE A 421 30.62 5.45 -17.03
C ILE A 421 30.23 6.90 -16.84
N PRO A 422 30.83 7.87 -17.54
CA PRO A 422 30.47 9.27 -17.30
C PRO A 422 29.02 9.60 -17.61
N ASP A 423 28.34 8.80 -18.41
CA ASP A 423 26.98 9.07 -18.82
C ASP A 423 25.94 8.55 -17.83
N LEU A 424 26.35 7.78 -16.84
CA LEU A 424 25.40 7.18 -15.92
C LEU A 424 24.64 8.27 -15.18
N PRO A 425 23.31 8.24 -15.16
CA PRO A 425 22.56 9.17 -14.35
C PRO A 425 22.61 8.77 -12.89
N ARG A 426 22.35 9.74 -12.02
CA ARG A 426 22.49 9.49 -10.58
C ARG A 426 21.60 8.35 -10.13
N ALA A 427 20.38 8.28 -10.65
CA ALA A 427 19.40 7.29 -10.21
C ALA A 427 19.46 5.99 -11.01
N ALA A 428 20.59 5.69 -11.62
CA ALA A 428 20.72 4.47 -12.40
C ALA A 428 20.68 3.26 -11.50
N ARG A 429 20.20 2.14 -12.06
CA ARG A 429 20.06 0.91 -11.32
C ARG A 429 20.39 -0.26 -12.23
N LEU A 430 20.77 -1.37 -11.61
CA LEU A 430 21.10 -2.60 -12.33
C LEU A 430 20.09 -3.66 -11.94
N CYS A 431 19.12 -3.91 -12.80
CA CYS A 431 18.14 -4.95 -12.59
C CYS A 431 18.64 -6.24 -13.21
N LEU A 432 18.36 -7.37 -12.57
CA LEU A 432 18.78 -8.65 -13.11
C LEU A 432 17.89 -9.74 -12.56
N SER A 433 17.90 -10.88 -13.25
CA SER A 433 17.06 -12.01 -12.88
C SER A 433 17.69 -13.28 -13.38
N ILE A 434 17.24 -14.40 -12.84
CA ILE A 434 17.67 -15.73 -13.25
C ILE A 434 16.50 -16.37 -13.97
N CYS A 435 16.65 -16.59 -15.28
CA CYS A 435 15.57 -17.11 -16.10
C CYS A 435 15.89 -18.51 -16.58
N SER A 436 14.84 -19.28 -16.85
CA SER A 436 14.96 -20.66 -17.31
C SER A 436 14.43 -20.76 -18.73
N VAL A 437 15.29 -21.19 -19.65
CA VAL A 437 14.94 -21.32 -21.06
C VAL A 437 14.55 -22.76 -21.33
N LYS A 438 13.38 -22.96 -21.94
CA LYS A 438 12.91 -24.30 -22.26
C LYS A 438 13.46 -24.77 -23.60
N GLY A 439 13.24 -24.01 -24.66
CA GLY A 439 13.82 -24.33 -25.95
C GLY A 439 13.40 -25.67 -26.52
N ARG A 440 12.10 -25.96 -26.49
CA ARG A 440 11.59 -27.25 -26.95
C ARG A 440 10.27 -26.99 -27.68
N LYS A 441 9.50 -28.07 -27.89
CA LYS A 441 8.25 -28.02 -28.64
C LYS A 441 8.48 -27.87 -30.14
N GLY A 442 9.61 -28.39 -30.63
CA GLY A 442 9.91 -28.33 -32.04
C GLY A 442 10.46 -26.99 -32.48
N ALA A 443 9.63 -25.96 -32.39
CA ALA A 443 10.00 -24.61 -32.81
C ALA A 443 9.54 -23.59 -31.77
N LYS A 444 9.83 -23.85 -30.50
CA LYS A 444 9.47 -22.93 -29.42
C LYS A 444 10.60 -22.83 -28.41
N GLU A 445 10.67 -21.69 -27.74
CA GLU A 445 11.65 -21.45 -26.69
C GLU A 445 11.05 -20.42 -25.74
N GLU A 446 10.52 -20.90 -24.62
CA GLU A 446 9.80 -20.06 -23.68
C GLU A 446 10.63 -19.80 -22.44
N HIS A 447 10.75 -18.55 -22.05
CA HIS A 447 11.50 -18.12 -20.88
C HIS A 447 10.58 -17.90 -19.70
N CYS A 448 11.11 -18.15 -18.51
CA CYS A 448 10.36 -18.00 -17.28
C CYS A 448 11.30 -17.59 -16.15
N PRO A 449 11.14 -16.42 -15.57
CA PRO A 449 12.02 -15.98 -14.49
C PRO A 449 11.88 -16.87 -13.27
N LEU A 450 13.00 -17.04 -12.56
CA LEU A 450 13.02 -17.78 -11.31
C LEU A 450 13.31 -16.91 -10.10
N ALA A 451 13.88 -15.73 -10.28
CA ALA A 451 14.19 -14.85 -9.17
C ALA A 451 14.73 -13.55 -9.75
N TRP A 452 14.62 -12.48 -8.98
CA TRP A 452 15.04 -11.16 -9.44
C TRP A 452 15.77 -10.43 -8.32
N GLY A 453 16.44 -9.35 -8.69
CA GLY A 453 17.11 -8.50 -7.72
C GLY A 453 17.73 -7.27 -8.35
N ASN A 454 17.50 -6.11 -7.75
CA ASN A 454 18.00 -4.84 -8.27
C ASN A 454 19.08 -4.29 -7.35
N ILE A 455 20.03 -3.57 -7.95
CA ILE A 455 21.14 -2.97 -7.22
C ILE A 455 21.29 -1.53 -7.66
N ASN A 456 21.38 -0.61 -6.72
CA ASN A 456 21.74 0.76 -7.04
C ASN A 456 23.19 0.82 -7.51
N LEU A 457 23.48 1.69 -8.47
CA LEU A 457 24.85 1.87 -8.92
C LEU A 457 25.60 2.93 -8.15
N PHE A 458 24.94 3.70 -7.29
CA PHE A 458 25.57 4.67 -6.41
C PHE A 458 24.99 4.49 -5.02
N ASP A 459 25.85 4.36 -4.01
CA ASP A 459 25.32 4.23 -2.67
C ASP A 459 24.81 5.59 -2.19
N TYR A 460 24.24 5.61 -0.99
CA TYR A 460 23.59 6.83 -0.52
C TYR A 460 24.57 7.99 -0.40
N THR A 461 25.86 7.73 -0.38
CA THR A 461 26.90 8.74 -0.27
C THR A 461 27.39 9.23 -1.62
N ASP A 462 26.73 8.83 -2.71
CA ASP A 462 27.07 9.24 -4.08
C ASP A 462 28.24 8.46 -4.64
N THR A 463 28.58 7.31 -4.08
CA THR A 463 29.77 6.56 -4.45
C THR A 463 29.39 5.41 -5.39
N LEU A 464 30.00 5.37 -6.56
CA LEU A 464 29.75 4.30 -7.51
C LEU A 464 30.27 2.98 -6.95
N VAL A 465 29.37 2.02 -6.75
CA VAL A 465 29.73 0.78 -6.09
C VAL A 465 30.88 0.10 -6.85
N SER A 466 31.64 -0.70 -6.12
CA SER A 466 32.78 -1.40 -6.70
C SER A 466 33.11 -2.60 -5.82
N GLY A 467 33.87 -3.53 -6.40
CA GLY A 467 34.27 -4.72 -5.68
C GLY A 467 33.24 -5.82 -5.72
N LYS A 468 33.49 -6.85 -4.92
CA LYS A 468 32.60 -8.00 -4.85
C LYS A 468 31.31 -7.62 -4.15
N MET A 469 30.28 -8.44 -4.36
CA MET A 469 28.97 -8.18 -3.80
C MET A 469 28.13 -9.44 -3.91
N ALA A 470 27.44 -9.79 -2.84
CA ALA A 470 26.56 -10.94 -2.80
C ALA A 470 25.12 -10.46 -2.64
N LEU A 471 24.26 -10.88 -3.55
CA LEU A 471 22.88 -10.43 -3.61
C LEU A 471 21.97 -11.65 -3.47
N ASN A 472 21.05 -11.59 -2.51
CA ASN A 472 20.06 -12.64 -2.34
C ASN A 472 18.80 -12.26 -3.11
N LEU A 473 18.38 -13.14 -4.02
CA LEU A 473 17.31 -12.81 -4.94
C LEU A 473 15.95 -13.01 -4.29
N TRP A 474 14.94 -12.40 -4.89
CA TRP A 474 13.57 -12.40 -4.43
C TRP A 474 12.71 -13.33 -5.27
N PRO A 475 11.58 -13.80 -4.75
CA PRO A 475 10.66 -14.59 -5.56
C PRO A 475 10.00 -13.71 -6.62
N VAL A 476 9.59 -14.35 -7.71
CA VAL A 476 8.88 -13.62 -8.77
C VAL A 476 7.45 -13.34 -8.33
N PRO A 477 6.97 -12.10 -8.44
CA PRO A 477 5.63 -11.79 -7.94
C PRO A 477 4.56 -12.58 -8.67
N HIS A 478 3.48 -12.87 -7.93
CA HIS A 478 2.40 -13.65 -8.49
C HIS A 478 1.73 -12.88 -9.62
N GLY A 479 1.59 -13.52 -10.78
CA GLY A 479 0.96 -12.89 -11.92
C GLY A 479 1.87 -12.04 -12.77
N LEU A 480 3.13 -11.90 -12.41
CA LEU A 480 4.09 -11.15 -13.20
C LEU A 480 4.85 -12.12 -14.11
N GLU A 481 4.95 -11.78 -15.39
CA GLU A 481 5.49 -12.69 -16.38
C GLU A 481 6.70 -12.17 -17.13
N ASP A 482 7.04 -10.89 -16.98
CA ASP A 482 8.23 -10.36 -17.64
C ASP A 482 9.49 -10.87 -16.96
N LEU A 483 10.60 -10.82 -17.69
CA LEU A 483 11.84 -11.42 -17.20
C LEU A 483 12.45 -10.58 -16.07
N LEU A 484 12.51 -9.27 -16.26
CA LEU A 484 13.05 -8.38 -15.25
C LEU A 484 11.92 -7.73 -14.46
N ASN A 485 12.27 -7.20 -13.29
CA ASN A 485 11.33 -6.51 -12.42
C ASN A 485 11.92 -5.17 -12.03
N PRO A 486 12.07 -4.25 -12.99
CA PRO A 486 12.63 -2.94 -12.65
C PRO A 486 11.79 -2.14 -11.69
N ILE A 487 10.50 -2.46 -11.58
CA ILE A 487 9.63 -1.85 -10.58
C ILE A 487 9.72 -2.75 -9.35
N GLY A 488 10.81 -2.62 -8.61
CA GLY A 488 11.04 -3.50 -7.49
C GLY A 488 12.01 -2.86 -6.53
N VAL A 489 11.96 -3.32 -5.28
CA VAL A 489 12.74 -2.70 -4.22
C VAL A 489 14.20 -3.09 -4.39
N THR A 490 15.06 -2.09 -4.44
CA THR A 490 16.49 -2.34 -4.52
C THR A 490 16.99 -2.85 -3.19
N GLY A 491 17.73 -3.96 -3.21
CA GLY A 491 18.25 -4.52 -1.99
C GLY A 491 18.27 -6.03 -1.96
N SER A 492 18.97 -6.59 -0.99
CA SER A 492 19.13 -8.03 -0.87
C SER A 492 18.00 -8.62 -0.05
N ASN A 493 17.67 -9.87 -0.34
CA ASN A 493 16.60 -10.54 0.39
C ASN A 493 17.02 -10.74 1.83
N PRO A 494 16.23 -10.30 2.82
CA PRO A 494 16.62 -10.52 4.21
C PRO A 494 16.80 -11.99 4.54
N ASN A 495 15.94 -12.84 3.99
CA ASN A 495 16.10 -14.28 4.17
C ASN A 495 17.35 -14.75 3.45
N LYS A 496 18.20 -15.48 4.17
CA LYS A 496 19.49 -15.88 3.63
C LYS A 496 19.48 -17.30 3.06
N GLU A 497 18.34 -17.96 3.07
CA GLU A 497 18.22 -19.31 2.50
C GLU A 497 17.51 -19.27 1.16
N THR A 498 17.74 -18.23 0.38
CA THR A 498 17.18 -18.06 -0.96
C THR A 498 18.31 -18.08 -1.96
N PRO A 499 17.99 -18.03 -3.26
CA PRO A 499 19.05 -18.00 -4.26
C PRO A 499 19.97 -16.81 -4.05
N CYS A 500 21.26 -17.03 -4.25
CA CYS A 500 22.25 -15.99 -4.08
C CYS A 500 23.08 -15.88 -5.35
N LEU A 501 23.48 -14.66 -5.68
CA LEU A 501 24.19 -14.37 -6.92
C LEU A 501 25.37 -13.46 -6.58
N GLU A 502 26.58 -13.91 -6.85
CA GLU A 502 27.76 -13.09 -6.61
C GLU A 502 28.13 -12.31 -7.86
N LEU A 503 28.29 -11.01 -7.70
CA LEU A 503 28.70 -10.10 -8.76
C LEU A 503 30.08 -9.56 -8.44
N GLU A 504 30.58 -8.70 -9.33
CA GLU A 504 31.86 -8.05 -9.06
C GLU A 504 31.99 -6.87 -10.01
N PHE A 505 32.05 -5.66 -9.46
CA PHE A 505 32.15 -4.44 -10.25
C PHE A 505 33.61 -4.02 -10.37
N ASP A 506 34.04 -3.73 -11.60
CA ASP A 506 35.45 -3.47 -11.82
C ASP A 506 35.93 -2.31 -10.95
N TRP A 507 37.24 -2.23 -10.77
CA TRP A 507 37.87 -1.30 -9.86
C TRP A 507 38.61 -0.24 -10.65
N PHE A 508 38.40 1.03 -10.32
CA PHE A 508 39.02 2.15 -11.02
C PHE A 508 40.14 2.78 -10.20
N SER A 509 40.79 1.99 -9.34
CA SER A 509 41.94 2.44 -8.58
C SER A 509 41.59 3.57 -7.62
N SER A 510 40.32 3.73 -7.31
CA SER A 510 39.88 4.78 -6.40
C SER A 510 38.41 4.64 -6.07
N VAL A 511 37.87 5.55 -5.27
CA VAL A 511 36.44 5.66 -5.04
C VAL A 511 35.91 6.74 -5.98
N VAL A 512 34.93 6.37 -6.80
CA VAL A 512 34.37 7.29 -7.79
C VAL A 512 33.10 7.89 -7.20
N LYS A 513 33.10 9.21 -7.06
CA LYS A 513 31.98 9.95 -6.48
C LYS A 513 31.27 10.73 -7.57
N PHE A 514 29.94 10.68 -7.57
CA PHE A 514 29.18 11.40 -8.57
C PHE A 514 29.46 12.89 -8.45
N PRO A 515 29.64 13.59 -9.57
CA PRO A 515 30.00 15.01 -9.51
C PRO A 515 28.99 15.81 -8.71
N ASP A 516 29.49 16.80 -7.98
CA ASP A 516 28.60 17.67 -7.22
C ASP A 516 27.84 18.59 -8.16
N MET A 517 26.89 19.34 -7.59
CA MET A 517 26.04 20.19 -8.41
C MET A 517 26.81 21.31 -9.07
N SER A 518 27.81 21.87 -8.40
CA SER A 518 28.59 22.96 -8.98
C SER A 518 29.28 22.52 -10.26
N VAL A 519 29.85 21.31 -10.27
CA VAL A 519 30.45 20.78 -11.49
C VAL A 519 29.39 20.62 -12.57
N ILE A 520 28.23 20.08 -12.21
CA ILE A 520 27.16 19.87 -13.18
C ILE A 520 26.68 21.20 -13.76
N GLU A 521 26.46 22.19 -12.88
CA GLU A 521 25.94 23.47 -13.37
C GLU A 521 26.88 24.11 -14.38
N GLU A 522 28.18 23.82 -14.27
CA GLU A 522 29.15 24.38 -15.21
C GLU A 522 29.08 23.65 -16.56
N HIS A 523 28.88 22.33 -16.53
CA HIS A 523 28.70 21.61 -17.78
C HIS A 523 27.50 22.15 -18.55
N ALA A 524 26.39 22.39 -17.85
CA ALA A 524 25.35 23.23 -18.42
C ALA A 524 25.81 24.68 -18.42
N ASN A 525 25.10 25.51 -19.18
CA ASN A 525 25.50 26.90 -19.40
C ASN A 525 26.84 27.01 -20.10
N TRP A 526 27.42 25.88 -20.51
CA TRP A 526 28.68 25.88 -21.26
C TRP A 526 28.47 25.31 -22.67
N SER A 527 27.92 24.10 -22.78
CA SER A 527 27.58 23.56 -24.08
C SER A 527 26.35 24.24 -24.68
N VAL A 528 25.66 25.06 -23.91
CA VAL A 528 24.47 25.76 -24.39
C VAL A 528 24.88 27.11 -24.98
N LEU A 551 12.73 34.20 -30.96
CA LEU A 551 12.05 34.43 -29.69
C LEU A 551 10.86 33.50 -29.53
N ARG A 552 9.68 34.10 -29.39
CA ARG A 552 8.44 33.36 -29.17
C ARG A 552 7.96 32.75 -30.48
N GLU A 553 7.15 31.71 -30.35
CA GLU A 553 6.64 30.97 -31.50
C GLU A 553 5.14 31.15 -31.65
N ASN A 554 4.70 31.25 -32.91
CA ASN A 554 3.28 31.38 -33.20
C ASN A 554 2.53 30.08 -32.99
N ASP A 555 3.11 28.95 -33.42
CA ASP A 555 2.51 27.64 -33.19
C ASP A 555 2.94 27.06 -31.85
N LYS A 556 2.76 27.85 -30.79
CA LYS A 556 2.91 27.35 -29.43
C LYS A 556 1.63 26.73 -28.90
N GLU A 557 0.56 26.72 -29.71
CA GLU A 557 -0.63 26.00 -29.33
C GLU A 557 -0.39 24.49 -29.25
N GLN A 558 0.69 24.00 -29.86
CA GLN A 558 1.00 22.59 -29.71
C GLN A 558 1.56 22.29 -28.34
N LEU A 559 2.30 23.22 -27.75
CA LEU A 559 2.74 23.05 -26.37
C LEU A 559 1.54 22.96 -25.44
N LYS A 560 0.54 23.83 -25.63
CA LYS A 560 -0.67 23.75 -24.83
C LYS A 560 -1.43 22.46 -25.12
N ALA A 561 -1.37 21.96 -26.35
CA ALA A 561 -2.04 20.71 -26.67
C ALA A 561 -1.44 19.54 -25.89
N ILE A 562 -0.10 19.50 -25.81
CA ILE A 562 0.55 18.40 -25.11
C ILE A 562 0.34 18.51 -23.61
N SER A 563 0.38 19.74 -23.08
CA SER A 563 0.27 19.93 -21.63
C SER A 563 -1.01 19.32 -21.07
N THR A 564 -2.10 19.38 -21.83
CA THR A 564 -3.40 18.94 -21.36
C THR A 564 -3.61 17.44 -21.49
N ARG A 565 -2.65 16.71 -22.06
CA ARG A 565 -2.81 15.28 -22.25
C ARG A 565 -2.60 14.54 -20.95
N ASP A 566 -3.24 13.38 -20.83
CA ASP A 566 -3.18 12.62 -19.60
C ASP A 566 -1.80 11.99 -19.43
N PRO A 567 -1.46 11.59 -18.21
CA PRO A 567 -0.11 11.05 -17.96
C PRO A 567 0.23 9.83 -18.80
N LEU A 568 -0.73 8.96 -19.08
CA LEU A 568 -0.44 7.73 -19.82
C LEU A 568 -0.56 7.89 -21.33
N SER A 569 -0.88 9.09 -21.82
CA SER A 569 -1.03 9.29 -23.24
C SER A 569 0.30 9.05 -23.96
N GLU A 570 0.20 8.63 -25.22
CA GLU A 570 1.38 8.35 -26.01
C GLU A 570 2.06 9.64 -26.46
N ILE A 571 3.38 9.68 -26.32
CA ILE A 571 4.18 10.77 -26.86
C ILE A 571 5.07 10.19 -27.94
N THR A 572 5.07 10.83 -29.10
CA THR A 572 5.79 10.33 -30.26
C THR A 572 7.21 10.86 -30.29
N GLU A 573 8.03 10.29 -31.17
CA GLU A 573 9.40 10.73 -31.31
C GLU A 573 9.49 12.17 -31.79
N GLN A 574 8.50 12.64 -32.53
CA GLN A 574 8.50 14.02 -32.96
C GLN A 574 8.17 14.97 -31.81
N GLU A 575 7.20 14.59 -30.97
CA GLU A 575 6.86 15.42 -29.81
C GLU A 575 8.02 15.48 -28.82
N LYS A 576 8.66 14.35 -28.55
CA LYS A 576 9.82 14.35 -27.66
C LYS A 576 10.91 15.26 -28.21
N ASP A 577 11.17 15.18 -29.51
CA ASP A 577 12.19 16.03 -30.12
C ASP A 577 11.70 17.46 -30.25
N PHE A 578 10.40 17.67 -30.16
CA PHE A 578 9.84 19.02 -30.23
C PHE A 578 9.91 19.72 -28.88
N LEU A 579 9.54 19.01 -27.80
CA LEU A 579 9.61 19.61 -26.47
C LEU A 579 11.05 19.97 -26.11
N TRP A 580 11.98 19.05 -26.33
CA TRP A 580 13.35 19.31 -25.92
C TRP A 580 13.92 20.53 -26.63
N SER A 581 13.66 20.66 -27.93
CA SER A 581 14.18 21.80 -28.68
C SER A 581 13.57 23.11 -28.17
N HIS A 582 12.28 23.08 -27.78
CA HIS A 582 11.61 24.24 -27.25
C HIS A 582 11.56 24.25 -25.73
N ARG A 583 12.59 23.72 -25.07
CA ARG A 583 12.56 23.60 -23.62
C ARG A 583 12.57 24.96 -22.94
N HIS A 584 13.35 25.91 -23.46
CA HIS A 584 13.52 27.18 -22.77
C HIS A 584 12.24 28.01 -22.77
N TYR A 585 11.34 27.81 -23.72
CA TYR A 585 10.09 28.52 -23.74
C TYR A 585 8.99 27.78 -23.00
N CYS A 586 9.30 26.61 -22.42
CA CYS A 586 8.32 25.85 -21.68
C CYS A 586 8.01 26.47 -20.32
N VAL A 587 9.00 27.10 -19.68
CA VAL A 587 8.80 27.68 -18.37
C VAL A 587 7.64 28.67 -18.34
N THR A 588 7.10 29.04 -19.48
CA THR A 588 5.85 29.79 -19.54
C THR A 588 4.64 28.88 -19.51
N ILE A 589 4.85 27.56 -19.49
CA ILE A 589 3.78 26.58 -19.34
C ILE A 589 4.20 25.64 -18.22
N PRO A 590 4.12 26.05 -16.96
CA PRO A 590 4.72 25.25 -15.89
C PRO A 590 4.20 23.83 -15.83
N GLU A 591 2.96 23.58 -16.20
CA GLU A 591 2.44 22.22 -16.09
C GLU A 591 2.94 21.30 -17.18
N ILE A 592 3.92 21.73 -17.98
CA ILE A 592 4.48 20.90 -19.03
C ILE A 592 5.62 20.04 -18.54
N LEU A 593 5.99 20.16 -17.26
CA LEU A 593 7.19 19.48 -16.78
C LEU A 593 7.12 17.97 -16.91
N PRO A 594 6.07 17.28 -16.47
CA PRO A 594 6.07 15.82 -16.56
C PRO A 594 6.33 15.31 -17.96
N LYS A 595 5.92 16.05 -18.99
CA LYS A 595 6.18 15.67 -20.37
C LYS A 595 7.59 16.05 -20.82
N LEU A 596 8.07 17.21 -20.39
CA LEU A 596 9.40 17.65 -20.78
C LEU A 596 10.49 16.77 -20.16
N LEU A 597 10.22 16.18 -18.99
CA LEU A 597 11.18 15.30 -18.37
C LEU A 597 11.22 13.93 -19.03
N LEU A 598 10.12 13.51 -19.64
CA LEU A 598 10.11 12.23 -20.34
C LEU A 598 10.80 12.33 -21.68
N SER A 599 10.85 13.52 -22.26
CA SER A 599 11.55 13.75 -23.51
C SER A 599 12.97 14.24 -23.29
N VAL A 600 13.72 13.54 -22.43
CA VAL A 600 15.11 13.84 -22.19
C VAL A 600 15.85 12.51 -22.11
N LYS A 601 17.04 12.49 -22.69
CA LYS A 601 17.87 11.29 -22.70
C LYS A 601 18.66 11.24 -21.40
N TRP A 602 18.37 10.26 -20.57
CA TRP A 602 19.03 10.16 -19.28
C TRP A 602 20.36 9.46 -19.38
N ASN A 603 20.61 8.70 -20.45
CA ASN A 603 21.95 8.18 -20.71
C ASN A 603 22.74 9.14 -21.61
N SER A 604 22.79 10.39 -21.19
CA SER A 604 23.55 11.42 -21.91
C SER A 604 23.73 12.59 -20.96
N ARG A 605 24.89 12.67 -20.31
CA ARG A 605 25.08 13.67 -19.25
C ARG A 605 24.97 15.07 -19.80
N ASP A 606 25.08 15.24 -21.11
CA ASP A 606 25.01 16.58 -21.70
C ASP A 606 23.60 17.13 -21.62
N GLU A 607 22.61 16.32 -21.99
CA GLU A 607 21.22 16.74 -21.86
C GLU A 607 20.79 16.82 -20.41
N VAL A 608 21.21 15.84 -19.60
CA VAL A 608 20.76 15.79 -18.22
C VAL A 608 21.27 17.00 -17.45
N ALA A 609 22.49 17.44 -17.74
CA ALA A 609 23.03 18.61 -17.06
C ALA A 609 22.28 19.89 -17.43
N GLN A 610 21.60 19.91 -18.57
CA GLN A 610 20.77 21.04 -18.94
C GLN A 610 19.39 20.99 -18.31
N MET A 611 18.87 19.80 -18.06
CA MET A 611 17.61 19.67 -17.35
C MET A 611 17.74 20.10 -15.90
N TYR A 612 18.90 19.83 -15.28
CA TYR A 612 19.12 20.27 -13.91
C TYR A 612 19.08 21.79 -13.79
N CYS A 613 19.63 22.49 -14.78
CA CYS A 613 19.64 23.94 -14.73
C CYS A 613 18.27 24.55 -14.97
N LEU A 614 17.36 23.80 -15.59
CA LEU A 614 15.98 24.26 -15.77
C LEU A 614 15.13 23.91 -14.56
N VAL A 615 15.19 22.67 -14.09
CA VAL A 615 14.47 22.28 -12.89
C VAL A 615 14.81 23.18 -11.71
N LYS A 616 15.99 23.78 -11.73
CA LYS A 616 16.39 24.67 -10.65
C LYS A 616 15.62 25.98 -10.63
N ASP A 617 15.20 26.48 -11.79
CA ASP A 617 14.48 27.75 -11.86
C ASP A 617 13.02 27.57 -12.29
N TRP A 618 12.50 26.35 -12.27
CA TRP A 618 11.14 26.11 -12.71
C TRP A 618 10.16 26.79 -11.77
N PRO A 619 9.04 27.31 -12.28
CA PRO A 619 8.03 27.88 -11.40
C PRO A 619 7.36 26.77 -10.60
N PRO A 620 6.66 27.12 -9.52
CA PRO A 620 5.95 26.10 -8.75
C PRO A 620 4.70 25.64 -9.49
N ILE A 621 4.31 24.39 -9.22
CA ILE A 621 3.14 23.80 -9.85
C ILE A 621 2.21 23.29 -8.77
N LYS A 622 0.97 23.01 -9.17
CA LYS A 622 -0.03 22.58 -8.21
C LYS A 622 0.35 21.25 -7.58
N PRO A 623 0.00 21.04 -6.31
CA PRO A 623 0.36 19.77 -5.68
C PRO A 623 -0.19 18.55 -6.38
N GLU A 624 -1.36 18.65 -7.01
CA GLU A 624 -1.94 17.52 -7.70
C GLU A 624 -1.18 17.17 -8.98
N GLN A 625 -0.32 18.07 -9.45
CA GLN A 625 0.56 17.79 -10.58
C GLN A 625 1.97 17.45 -10.15
N ALA A 626 2.51 18.18 -9.17
CA ALA A 626 3.80 17.84 -8.60
C ALA A 626 3.77 16.53 -7.83
N MET A 627 2.60 15.99 -7.57
CA MET A 627 2.46 14.74 -6.85
C MET A 627 2.59 13.53 -7.76
N GLU A 628 2.58 13.73 -9.07
CA GLU A 628 2.87 12.69 -10.04
C GLU A 628 4.32 12.66 -10.45
N LEU A 629 5.13 13.61 -9.99
CA LEU A 629 6.57 13.56 -10.15
C LEU A 629 7.23 12.75 -9.06
N LEU A 630 6.45 11.98 -8.30
CA LEU A 630 6.96 11.15 -7.23
C LEU A 630 6.76 9.65 -7.48
N ASP A 631 6.02 9.27 -8.52
CA ASP A 631 5.80 7.86 -8.80
C ASP A 631 7.04 7.29 -9.49
N CYS A 632 6.94 6.06 -9.99
CA CYS A 632 8.13 5.33 -10.40
C CYS A 632 8.75 5.86 -11.68
N ASN A 633 8.08 6.76 -12.40
CA ASN A 633 8.61 7.22 -13.68
C ASN A 633 9.70 8.27 -13.52
N TYR A 634 9.82 8.90 -12.36
CA TYR A 634 10.75 10.00 -12.14
C TYR A 634 11.61 9.70 -10.93
N PRO A 635 12.74 9.03 -11.12
CA PRO A 635 13.62 8.67 -9.99
C PRO A 635 14.75 9.64 -9.71
N ASP A 636 14.91 10.71 -10.47
CA ASP A 636 16.05 11.57 -10.27
C ASP A 636 15.88 12.35 -8.98
N PRO A 637 16.89 12.39 -8.10
CA PRO A 637 16.71 13.09 -6.83
C PRO A 637 16.42 14.57 -6.95
N MET A 638 16.89 15.23 -8.00
CA MET A 638 16.59 16.66 -8.15
C MET A 638 15.17 16.89 -8.64
N VAL A 639 14.64 16.00 -9.46
CA VAL A 639 13.24 16.10 -9.87
C VAL A 639 12.33 15.76 -8.70
N ARG A 640 12.66 14.72 -7.94
CA ARG A 640 11.84 14.36 -6.80
C ARG A 640 11.99 15.35 -5.67
N GLY A 641 13.15 16.01 -5.54
CA GLY A 641 13.28 17.06 -4.57
C GLY A 641 12.43 18.27 -4.91
N PHE A 642 12.34 18.60 -6.19
CA PHE A 642 11.53 19.73 -6.62
C PHE A 642 10.05 19.48 -6.35
N ALA A 643 9.59 18.24 -6.54
CA ALA A 643 8.21 17.91 -6.26
C ALA A 643 7.87 18.12 -4.79
N VAL A 644 8.78 17.74 -3.90
CA VAL A 644 8.51 17.84 -2.47
C VAL A 644 8.57 19.27 -1.98
N ARG A 645 9.24 20.17 -2.71
CA ARG A 645 9.15 21.58 -2.37
C ARG A 645 7.82 22.20 -2.77
N CYS A 646 7.15 21.63 -3.78
CA CYS A 646 5.79 22.06 -4.10
C CYS A 646 4.77 21.52 -3.12
N LEU A 647 5.00 20.32 -2.57
CA LEU A 647 4.11 19.80 -1.55
C LEU A 647 4.20 20.61 -0.27
N GLU A 648 5.41 21.03 0.10
CA GLU A 648 5.59 21.75 1.35
C GLU A 648 4.79 23.05 1.37
N LYS A 649 4.87 23.83 0.29
CA LYS A 649 4.31 25.17 0.28
C LYS A 649 2.87 25.23 -0.23
N TYR A 650 2.31 24.12 -0.66
CA TYR A 650 0.97 24.14 -1.23
C TYR A 650 0.05 23.09 -0.63
N LEU A 651 0.56 21.90 -0.33
CA LEU A 651 -0.29 20.82 0.16
C LEU A 651 -0.80 21.18 1.55
N THR A 652 -2.10 21.45 1.66
CA THR A 652 -2.71 21.75 2.93
C THR A 652 -2.90 20.47 3.74
N ASP A 653 -3.04 20.64 5.06
CA ASP A 653 -3.24 19.50 5.93
C ASP A 653 -4.54 18.77 5.62
N ASP A 654 -5.48 19.41 4.94
CA ASP A 654 -6.71 18.74 4.54
C ASP A 654 -6.45 17.77 3.39
N LYS A 655 -5.69 18.20 2.39
CA LYS A 655 -5.41 17.35 1.25
C LYS A 655 -4.37 16.29 1.56
N LEU A 656 -3.40 16.60 2.43
CA LEU A 656 -2.46 15.57 2.85
C LEU A 656 -3.18 14.41 3.50
N SER A 657 -4.21 14.69 4.30
CA SER A 657 -5.00 13.62 4.89
C SER A 657 -5.78 12.85 3.85
N GLN A 658 -5.99 13.41 2.66
CA GLN A 658 -6.75 12.72 1.62
C GLN A 658 -5.85 11.84 0.77
N TYR A 659 -4.73 12.39 0.29
CA TYR A 659 -3.79 11.66 -0.54
C TYR A 659 -2.70 10.98 0.26
N LEU A 660 -2.92 10.73 1.55
CA LEU A 660 -1.87 10.10 2.34
C LEU A 660 -1.67 8.64 1.98
N ILE A 661 -2.72 7.93 1.59
CA ILE A 661 -2.57 6.52 1.26
C ILE A 661 -1.60 6.35 0.10
N GLN A 662 -1.49 7.36 -0.77
CA GLN A 662 -0.64 7.32 -1.94
C GLN A 662 0.76 7.84 -1.66
N LEU A 663 0.87 8.89 -0.83
CA LEU A 663 2.19 9.38 -0.47
C LEU A 663 2.98 8.36 0.33
N VAL A 664 2.31 7.51 1.09
CA VAL A 664 2.99 6.43 1.79
C VAL A 664 3.48 5.39 0.81
N GLN A 665 2.72 5.13 -0.25
CA GLN A 665 3.10 4.10 -1.20
C GLN A 665 4.30 4.49 -2.04
N VAL A 666 4.49 5.78 -2.30
CA VAL A 666 5.61 6.22 -3.11
C VAL A 666 6.83 6.40 -2.23
N LEU A 667 6.74 5.92 -0.99
CA LEU A 667 7.92 5.78 -0.15
C LEU A 667 8.71 4.54 -0.51
N LYS A 668 8.08 3.56 -1.15
CA LYS A 668 8.73 2.34 -1.60
C LYS A 668 9.49 2.52 -2.90
N TYR A 669 9.25 3.60 -3.63
CA TYR A 669 10.01 3.93 -4.82
C TYR A 669 11.23 4.78 -4.50
N GLU A 670 11.40 5.17 -3.25
CA GLU A 670 12.49 6.07 -2.92
C GLU A 670 13.82 5.34 -3.03
N GLN A 671 14.82 6.07 -3.54
CA GLN A 671 16.10 5.47 -3.86
C GLN A 671 16.78 4.96 -2.60
N TYR A 672 16.79 5.77 -1.55
CA TYR A 672 17.53 5.51 -0.32
C TYR A 672 16.63 5.73 0.89
N LEU A 673 17.17 5.42 2.07
CA LEU A 673 16.36 5.48 3.28
C LEU A 673 16.12 6.91 3.74
N ASP A 674 17.08 7.79 3.53
CA ASP A 674 16.97 9.18 3.96
C ASP A 674 16.63 10.03 2.74
N ASN A 675 15.34 10.29 2.56
CA ASN A 675 14.82 11.04 1.41
C ASN A 675 14.55 12.47 1.83
N LEU A 676 14.02 13.25 0.90
CA LEU A 676 13.38 14.51 1.27
C LEU A 676 11.88 14.36 1.45
N LEU A 677 11.30 13.28 0.93
CA LEU A 677 9.88 13.01 1.15
C LEU A 677 9.62 12.49 2.55
N VAL A 678 10.46 11.57 3.04
CA VAL A 678 10.23 11.00 4.36
C VAL A 678 10.39 12.06 5.43
N ARG A 679 11.31 13.00 5.23
CA ARG A 679 11.43 14.10 6.18
C ARG A 679 10.20 14.99 6.17
N PHE A 680 9.58 15.17 5.00
CA PHE A 680 8.36 15.96 4.92
C PHE A 680 7.19 15.21 5.52
N LEU A 681 7.04 13.93 5.18
CA LEU A 681 5.93 13.14 5.73
C LEU A 681 6.04 13.02 7.25
N LEU A 682 7.24 12.75 7.75
CA LEU A 682 7.40 12.57 9.19
C LEU A 682 7.12 13.85 9.96
N LYS A 683 7.57 14.99 9.44
CA LYS A 683 7.33 16.25 10.12
C LYS A 683 5.84 16.56 10.22
N LYS A 684 5.08 16.26 9.18
CA LYS A 684 3.63 16.44 9.24
C LYS A 684 3.01 15.51 10.28
N ALA A 685 3.46 14.26 10.34
CA ALA A 685 2.91 13.32 11.31
C ALA A 685 3.17 13.78 12.74
N LEU A 686 4.35 14.32 13.00
CA LEU A 686 4.73 14.74 14.34
C LEU A 686 4.21 16.12 14.69
N THR A 687 3.53 16.79 13.77
CA THR A 687 2.94 18.10 14.02
C THR A 687 1.42 18.09 13.95
N ASN A 688 0.82 17.01 13.48
CA ASN A 688 -0.63 16.87 13.36
C ASN A 688 -0.99 15.45 13.76
N GLN A 689 -1.77 15.31 14.82
CA GLN A 689 -2.06 13.98 15.33
C GLN A 689 -3.15 13.24 14.55
N ARG A 690 -3.87 13.92 13.65
CA ARG A 690 -4.74 13.20 12.73
C ARG A 690 -3.93 12.48 11.67
N ILE A 691 -2.94 13.17 11.09
CA ILE A 691 -2.05 12.53 10.14
C ILE A 691 -1.20 11.48 10.82
N GLY A 692 -0.81 11.72 12.07
CA GLY A 692 0.01 10.76 12.79
C GLY A 692 -0.70 9.43 12.99
N HIS A 693 -1.99 9.48 13.33
CA HIS A 693 -2.72 8.24 13.58
C HIS A 693 -2.78 7.38 12.33
N PHE A 694 -3.13 7.99 11.19
CA PHE A 694 -3.23 7.24 9.95
C PHE A 694 -1.88 6.97 9.32
N PHE A 695 -0.93 7.88 9.50
CA PHE A 695 0.44 7.60 9.11
C PHE A 695 0.93 6.32 9.77
N PHE A 696 0.65 6.15 11.06
CA PHE A 696 1.07 4.96 11.78
C PHE A 696 0.41 3.70 11.22
N TRP A 697 -0.91 3.72 11.05
CA TRP A 697 -1.62 2.51 10.65
C TRP A 697 -1.37 2.15 9.20
N HIS A 698 -1.08 3.14 8.34
CA HIS A 698 -0.77 2.82 6.96
C HIS A 698 0.61 2.17 6.84
N LEU A 699 1.57 2.62 7.65
CA LEU A 699 2.87 1.96 7.71
C LEU A 699 2.79 0.63 8.45
N LYS A 700 2.03 0.60 9.54
CA LYS A 700 1.96 -0.60 10.37
C LYS A 700 1.24 -1.73 9.67
N SER A 701 0.35 -1.42 8.72
CA SER A 701 -0.39 -2.45 8.02
C SER A 701 0.42 -3.14 6.94
N GLU A 702 1.64 -2.69 6.70
CA GLU A 702 2.51 -3.29 5.68
C GLU A 702 3.81 -3.82 6.25
N MET A 703 3.89 -4.02 7.56
CA MET A 703 5.09 -4.57 8.16
C MET A 703 5.24 -6.06 7.88
N HIS A 704 4.19 -6.73 7.42
CA HIS A 704 4.30 -8.14 7.05
C HIS A 704 5.07 -8.34 5.75
N ASN A 705 5.23 -7.29 4.94
CA ASN A 705 6.00 -7.38 3.72
C ASN A 705 7.49 -7.38 4.05
N LYS A 706 8.18 -8.46 3.72
CA LYS A 706 9.62 -8.50 3.96
C LYS A 706 10.37 -7.55 3.05
N THR A 707 9.74 -7.05 1.99
CA THR A 707 10.42 -6.14 1.08
C THR A 707 10.55 -4.75 1.65
N VAL A 708 9.62 -4.32 2.51
CA VAL A 708 9.63 -2.98 3.06
C VAL A 708 9.49 -3.00 4.57
N SER A 709 9.69 -4.17 5.19
CA SER A 709 9.57 -4.24 6.64
C SER A 709 10.67 -3.44 7.32
N GLN A 710 11.89 -3.46 6.78
CA GLN A 710 12.98 -2.73 7.42
C GLN A 710 12.86 -1.23 7.18
N ARG A 711 12.49 -0.83 5.97
CA ARG A 711 12.38 0.60 5.69
C ARG A 711 11.23 1.24 6.46
N PHE A 712 10.08 0.57 6.51
CA PHE A 712 8.95 1.10 7.26
C PHE A 712 9.15 0.90 8.77
N GLY A 713 9.83 -0.18 9.16
CA GLY A 713 10.09 -0.41 10.56
C GLY A 713 11.00 0.64 11.16
N LEU A 714 11.99 1.09 10.40
CA LEU A 714 12.85 2.17 10.88
C LEU A 714 12.08 3.47 10.99
N LEU A 715 11.10 3.68 10.12
CA LEU A 715 10.31 4.90 10.13
C LEU A 715 9.31 4.89 11.27
N LEU A 716 8.71 3.74 11.56
CA LEU A 716 7.77 3.65 12.66
C LEU A 716 8.47 3.87 13.99
N GLU A 717 9.72 3.41 14.11
CA GLU A 717 10.47 3.63 15.35
C GLU A 717 10.75 5.11 15.56
N SER A 718 11.11 5.83 14.50
CA SER A 718 11.35 7.26 14.64
C SER A 718 10.09 7.99 15.06
N TYR A 719 8.95 7.65 14.46
CA TYR A 719 7.70 8.30 14.84
C TYR A 719 7.31 7.93 16.26
N CYS A 720 7.28 6.65 16.58
CA CYS A 720 6.86 6.23 17.91
C CYS A 720 7.74 6.83 18.99
N ARG A 721 9.03 7.04 18.68
CA ARG A 721 9.93 7.63 19.66
C ARG A 721 9.50 9.04 20.04
N ALA A 722 9.10 9.83 19.05
CA ALA A 722 8.80 11.25 19.27
C ALA A 722 7.32 11.60 19.13
N CYS A 723 6.45 10.62 18.96
CA CYS A 723 5.04 10.92 18.74
C CYS A 723 4.36 11.51 19.96
N GLY A 724 5.01 11.49 21.12
CA GLY A 724 4.43 12.06 22.32
C GLY A 724 3.78 11.01 23.19
N MET A 725 2.65 11.36 23.81
CA MET A 725 1.93 10.39 24.62
C MET A 725 0.97 9.53 23.79
N TYR A 726 0.81 9.84 22.51
CA TYR A 726 -0.09 9.04 21.69
C TYR A 726 0.32 7.58 21.65
N LEU A 727 1.58 7.27 21.97
CA LEU A 727 2.03 5.89 21.96
C LEU A 727 1.22 5.04 22.93
N LYS A 728 0.70 5.63 24.00
CA LYS A 728 -0.13 4.88 24.93
C LYS A 728 -1.50 4.57 24.34
N HIS A 729 -2.02 5.48 23.50
CA HIS A 729 -3.28 5.22 22.83
C HIS A 729 -3.11 4.26 21.67
N LEU A 730 -1.97 4.33 20.97
CA LEU A 730 -1.72 3.40 19.88
C LEU A 730 -1.45 1.99 20.39
N ASN A 731 -1.03 1.87 21.65
CA ASN A 731 -0.80 0.56 22.24
C ASN A 731 -2.09 -0.13 22.63
N ARG A 732 -3.11 0.63 23.00
CA ARG A 732 -4.40 0.03 23.30
C ARG A 732 -5.10 -0.43 22.02
N GLN A 733 -4.98 0.34 20.94
CA GLN A 733 -5.57 -0.08 19.68
C GLN A 733 -4.88 -1.32 19.14
N VAL A 734 -3.56 -1.39 19.23
CA VAL A 734 -2.84 -2.56 18.76
C VAL A 734 -3.19 -3.78 19.59
N GLU A 735 -3.26 -3.61 20.92
CA GLU A 735 -3.61 -4.74 21.78
C GLU A 735 -5.04 -5.19 21.55
N ALA A 736 -5.96 -4.25 21.33
CA ALA A 736 -7.35 -4.62 21.07
C ALA A 736 -7.48 -5.37 19.75
N MET A 737 -6.73 -4.96 18.73
CA MET A 737 -6.85 -5.61 17.43
C MET A 737 -6.23 -7.02 17.44
N GLU A 738 -5.22 -7.24 18.28
CA GLU A 738 -4.65 -8.58 18.39
C GLU A 738 -5.62 -9.54 19.07
N LYS A 739 -6.33 -9.07 20.10
CA LYS A 739 -7.32 -9.90 20.76
C LYS A 739 -8.41 -10.34 19.79
N LEU A 740 -8.76 -9.46 18.85
CA LEU A 740 -9.78 -9.80 17.86
C LEU A 740 -9.22 -10.71 16.78
N ILE A 741 -7.97 -10.51 16.38
CA ILE A 741 -7.36 -11.40 15.40
C ILE A 741 -7.23 -12.81 15.95
N ASN A 742 -6.78 -12.92 17.20
CA ASN A 742 -6.68 -14.23 17.84
C ASN A 742 -8.05 -14.87 17.99
N LEU A 743 -9.05 -14.10 18.40
CA LEU A 743 -10.39 -14.64 18.54
C LEU A 743 -10.93 -15.12 17.20
N THR A 744 -10.72 -14.33 16.15
CA THR A 744 -11.27 -14.67 14.84
C THR A 744 -10.54 -15.84 14.20
N ASP A 745 -9.23 -15.94 14.43
CA ASP A 745 -8.47 -17.07 13.91
C ASP A 745 -8.97 -18.38 14.49
N ILE A 746 -9.26 -18.41 15.78
CA ILE A 746 -9.81 -19.63 16.38
C ILE A 746 -11.12 -20.00 15.71
N LEU A 747 -11.97 -19.01 15.42
CA LEU A 747 -13.27 -19.29 14.82
C LEU A 747 -13.12 -19.83 13.41
N LYS A 748 -12.30 -19.18 12.59
CA LYS A 748 -12.22 -19.48 11.17
C LYS A 748 -11.09 -20.43 10.80
N GLN A 749 -10.34 -20.94 11.78
CA GLN A 749 -9.21 -21.81 11.49
C GLN A 749 -9.38 -23.21 12.07
N GLU A 750 -9.66 -23.32 13.38
CA GLU A 750 -9.60 -24.62 14.02
C GLU A 750 -10.95 -25.32 14.04
N LYS A 751 -12.03 -24.61 14.33
CA LYS A 751 -13.34 -25.21 14.47
C LYS A 751 -14.37 -24.44 13.67
N LYS A 752 -14.06 -24.20 12.40
CA LYS A 752 -14.97 -23.57 11.48
C LYS A 752 -16.16 -24.44 11.13
N ASP A 753 -16.07 -25.76 11.29
CA ASP A 753 -17.06 -26.68 10.78
C ASP A 753 -18.17 -27.01 11.77
N GLU A 754 -18.28 -26.27 12.86
CA GLU A 754 -19.36 -26.44 13.82
C GLU A 754 -20.54 -25.55 13.43
N THR A 755 -21.68 -25.81 14.06
CA THR A 755 -22.87 -25.01 13.82
C THR A 755 -22.70 -23.62 14.41
N GLN A 756 -23.49 -22.68 13.92
CA GLN A 756 -23.33 -21.29 14.37
C GLN A 756 -23.67 -21.15 15.85
N LYS A 757 -24.66 -21.90 16.35
CA LYS A 757 -25.02 -21.79 17.76
C LYS A 757 -23.84 -22.14 18.66
N VAL A 758 -23.16 -23.25 18.36
CA VAL A 758 -21.96 -23.57 19.12
C VAL A 758 -20.87 -22.54 18.87
N GLN A 759 -20.74 -22.08 17.62
CA GLN A 759 -19.83 -20.99 17.33
C GLN A 759 -20.26 -19.72 18.05
N MET A 760 -21.57 -19.47 18.09
CA MET A 760 -22.06 -18.30 18.81
C MET A 760 -21.80 -18.40 20.31
N LYS A 761 -21.98 -19.60 20.88
CA LYS A 761 -21.72 -19.77 22.31
C LYS A 761 -20.25 -19.67 22.62
N PHE A 762 -19.37 -20.05 21.68
CA PHE A 762 -17.94 -19.85 21.88
C PHE A 762 -17.60 -18.38 22.00
N LEU A 763 -18.20 -17.54 21.15
CA LEU A 763 -17.85 -16.13 21.16
C LEU A 763 -18.20 -15.47 22.48
N VAL A 764 -19.38 -15.77 23.02
CA VAL A 764 -19.83 -15.12 24.24
C VAL A 764 -18.93 -15.49 25.42
N GLU A 765 -18.53 -16.76 25.51
CA GLU A 765 -17.65 -17.17 26.60
C GLU A 765 -16.29 -16.50 26.47
N GLN A 766 -15.76 -16.42 25.25
CA GLN A 766 -14.46 -15.79 25.04
C GLN A 766 -14.53 -14.29 25.24
N MET A 767 -15.60 -13.65 24.78
CA MET A 767 -15.73 -12.21 24.95
C MET A 767 -16.12 -11.82 26.37
N ARG A 768 -16.53 -12.78 27.19
CA ARG A 768 -16.95 -12.49 28.55
C ARG A 768 -15.81 -12.60 29.56
N ARG A 769 -14.63 -13.02 29.13
CA ARG A 769 -13.51 -13.14 30.05
C ARG A 769 -13.04 -11.77 30.52
N PRO A 770 -12.54 -11.66 31.75
CA PRO A 770 -12.13 -10.33 32.25
C PRO A 770 -11.04 -9.66 31.43
N ASP A 771 -10.08 -10.43 30.89
CA ASP A 771 -9.01 -9.81 30.12
C ASP A 771 -9.51 -9.31 28.78
N PHE A 772 -10.26 -10.15 28.06
CA PHE A 772 -10.82 -9.71 26.78
C PHE A 772 -11.70 -8.49 26.95
N MET A 773 -12.59 -8.52 27.94
CA MET A 773 -13.44 -7.36 28.17
C MET A 773 -12.61 -6.16 28.62
N ASP A 774 -11.44 -6.42 29.19
CA ASP A 774 -10.60 -5.33 29.67
C ASP A 774 -9.82 -4.68 28.54
N ALA A 775 -9.36 -5.49 27.58
CA ALA A 775 -8.59 -4.96 26.46
C ALA A 775 -9.46 -4.34 25.38
N LEU A 776 -10.72 -4.76 25.30
CA LEU A 776 -11.63 -4.33 24.25
C LEU A 776 -12.58 -3.22 24.70
N GLN A 777 -12.12 -2.31 25.55
CA GLN A 777 -12.99 -1.24 26.02
C GLN A 777 -12.16 -0.03 26.38
N GLY A 778 -12.78 1.13 26.28
CA GLY A 778 -12.13 2.37 26.66
C GLY A 778 -10.92 2.72 25.84
N PHE A 779 -11.00 2.61 24.52
CA PHE A 779 -9.93 3.01 23.64
C PHE A 779 -10.50 3.72 22.42
N LEU A 780 -9.65 4.48 21.75
CA LEU A 780 -10.06 5.16 20.52
C LEU A 780 -10.23 4.15 19.40
N SER A 781 -11.07 4.49 18.44
CA SER A 781 -11.30 3.58 17.33
C SER A 781 -10.28 3.84 16.22
N PRO A 782 -9.74 2.81 15.60
CA PRO A 782 -8.79 3.04 14.51
C PRO A 782 -9.37 3.81 13.35
N LEU A 783 -10.67 3.64 13.07
CA LEU A 783 -11.27 4.29 11.91
C LEU A 783 -11.36 5.79 12.07
N ASN A 784 -11.67 6.25 13.26
CA ASN A 784 -11.78 7.67 13.51
C ASN A 784 -11.26 7.96 14.91
N PRO A 785 -10.06 8.49 15.05
CA PRO A 785 -9.49 8.67 16.40
C PRO A 785 -10.33 9.56 17.28
N ALA A 786 -11.20 10.40 16.71
CA ALA A 786 -12.07 11.25 17.52
C ALA A 786 -13.23 10.49 18.15
N HIS A 787 -13.56 9.30 17.64
CA HIS A 787 -14.59 8.45 18.22
C HIS A 787 -13.93 7.53 19.22
N GLN A 788 -14.28 7.69 20.49
CA GLN A 788 -13.74 6.87 21.55
C GLN A 788 -14.74 5.80 21.94
N LEU A 789 -14.31 4.54 21.90
CA LEU A 789 -15.18 3.40 22.12
C LEU A 789 -15.24 3.08 23.61
N GLY A 790 -16.45 2.98 24.14
CA GLY A 790 -16.65 2.71 25.56
C GLY A 790 -17.00 1.27 25.85
N ASN A 791 -18.02 1.06 26.69
CA ASN A 791 -18.38 -0.27 27.08
C ASN A 791 -18.90 -1.08 25.90
N LEU A 792 -18.55 -2.35 25.87
CA LEU A 792 -18.94 -3.26 24.79
C LEU A 792 -20.30 -3.85 25.09
N ARG A 793 -21.23 -3.72 24.14
CA ARG A 793 -22.59 -4.24 24.27
C ARG A 793 -22.62 -5.68 23.79
N LEU A 794 -22.23 -6.61 24.66
CA LEU A 794 -22.10 -8.01 24.25
C LEU A 794 -23.40 -8.60 23.74
N GLU A 795 -24.55 -8.07 24.14
CA GLU A 795 -25.81 -8.66 23.74
C GLU A 795 -25.98 -8.64 22.22
N GLU A 796 -25.56 -7.56 21.57
CA GLU A 796 -25.73 -7.39 20.14
C GLU A 796 -24.40 -7.38 19.39
N CYS A 797 -23.51 -8.31 19.75
CA CYS A 797 -22.25 -8.53 19.04
C CYS A 797 -22.32 -9.95 18.50
N ARG A 798 -22.88 -10.11 17.31
CA ARG A 798 -23.08 -11.42 16.71
C ARG A 798 -21.99 -11.69 15.66
N ILE A 799 -22.09 -12.85 15.03
CA ILE A 799 -21.17 -13.27 13.98
C ILE A 799 -21.93 -13.25 12.66
N MET A 800 -21.46 -12.44 11.71
CA MET A 800 -22.14 -12.33 10.44
C MET A 800 -22.19 -13.67 9.74
N SER A 801 -23.20 -13.94 8.96
CA SER A 801 -23.29 -15.25 8.35
C SER A 801 -22.72 -15.23 7.00
N SER A 802 -22.26 -14.08 6.58
CA SER A 802 -21.73 -13.93 5.25
C SER A 802 -20.29 -14.25 5.12
N ALA A 803 -19.66 -13.66 4.11
CA ALA A 803 -18.23 -13.86 3.82
C ALA A 803 -17.42 -14.89 4.55
N LYS A 804 -16.48 -14.39 5.32
CA LYS A 804 -15.71 -15.27 6.11
C LYS A 804 -16.20 -15.24 7.54
N ARG A 805 -17.50 -15.00 7.80
CA ARG A 805 -17.92 -14.86 9.18
C ARG A 805 -17.26 -13.66 9.85
N PRO A 806 -17.51 -12.45 9.38
CA PRO A 806 -16.96 -11.27 10.06
C PRO A 806 -17.52 -11.14 11.46
N LEU A 807 -17.11 -10.12 12.20
CA LEU A 807 -17.58 -9.90 13.55
C LEU A 807 -18.28 -8.55 13.62
N TRP A 808 -19.56 -8.57 13.99
CA TRP A 808 -20.32 -7.34 14.19
C TRP A 808 -20.18 -6.95 15.66
N LEU A 809 -19.53 -5.82 15.93
CA LEU A 809 -19.23 -5.39 17.27
C LEU A 809 -19.88 -4.05 17.55
N ASN A 810 -20.38 -3.89 18.77
CA ASN A 810 -21.10 -2.71 19.19
C ASN A 810 -20.42 -2.12 20.42
N TRP A 811 -20.31 -0.78 20.45
CA TRP A 811 -19.73 -0.09 21.59
C TRP A 811 -20.65 1.04 22.02
N GLU A 812 -20.18 1.88 22.93
CA GLU A 812 -20.98 2.97 23.44
C GLU A 812 -20.14 4.24 23.49
N ASN A 813 -20.82 5.38 23.44
CA ASN A 813 -20.15 6.67 23.52
C ASN A 813 -19.88 7.00 24.98
N PRO A 814 -18.63 7.14 25.40
CA PRO A 814 -18.37 7.50 26.80
C PRO A 814 -18.94 8.84 27.20
N ASP A 815 -18.96 9.83 26.31
CA ASP A 815 -19.28 11.18 26.72
C ASP A 815 -20.77 11.36 26.95
N ILE A 816 -21.11 12.31 27.81
CA ILE A 816 -22.52 12.48 28.20
C ILE A 816 -23.37 12.84 27.00
N MET A 817 -22.88 13.74 26.14
CA MET A 817 -23.69 14.22 25.03
C MET A 817 -23.60 13.28 23.84
N SER A 818 -23.76 11.98 24.06
CA SER A 818 -23.70 11.02 22.97
C SER A 818 -24.97 10.97 22.14
N GLU A 819 -26.13 11.23 22.76
CA GLU A 819 -27.38 11.15 22.03
C GLU A 819 -27.46 12.13 20.88
N LEU A 820 -26.71 13.22 20.94
CA LEU A 820 -26.77 14.23 19.88
C LEU A 820 -26.03 13.77 18.63
N LEU A 821 -25.02 12.92 18.78
CA LEU A 821 -24.30 12.36 17.64
C LEU A 821 -24.75 10.93 17.32
N PHE A 822 -24.60 10.03 18.28
CA PHE A 822 -25.14 8.68 18.18
C PHE A 822 -24.77 7.94 19.46
N GLN A 823 -25.52 6.87 19.73
CA GLN A 823 -25.37 6.15 20.99
C GLN A 823 -24.43 4.97 20.90
N ASN A 824 -24.29 4.35 19.73
CA ASN A 824 -23.45 3.17 19.59
C ASN A 824 -22.63 3.26 18.32
N ASN A 825 -21.37 2.80 18.42
CA ASN A 825 -20.47 2.67 17.29
C ASN A 825 -20.44 1.19 16.90
N GLU A 826 -21.08 0.85 15.80
CA GLU A 826 -20.94 -0.50 15.26
C GLU A 826 -19.74 -0.56 14.33
N ILE A 827 -19.13 -1.73 14.23
CA ILE A 827 -17.95 -1.92 13.41
C ILE A 827 -17.89 -3.39 13.01
N ILE A 828 -17.66 -3.63 11.72
CA ILE A 828 -17.44 -4.97 11.21
C ILE A 828 -15.95 -5.23 11.24
N PHE A 829 -15.53 -6.25 11.97
CA PHE A 829 -14.14 -6.68 11.99
C PHE A 829 -14.00 -7.84 11.04
N LYS A 830 -13.36 -7.60 9.89
CA LYS A 830 -13.19 -8.62 8.87
C LYS A 830 -11.75 -9.11 8.90
N ASN A 831 -11.59 -10.42 8.95
CA ASN A 831 -10.28 -11.06 9.00
C ASN A 831 -10.29 -12.21 8.00
N GLY A 832 -9.64 -12.02 6.87
CA GLY A 832 -9.59 -13.05 5.84
C GLY A 832 -9.62 -12.58 4.42
N ASP A 833 -10.18 -11.40 4.15
CA ASP A 833 -10.25 -10.87 2.80
C ASP A 833 -9.54 -9.53 2.71
N ASP A 834 -8.89 -9.29 1.57
CA ASP A 834 -8.13 -8.07 1.36
C ASP A 834 -9.06 -6.87 1.38
N LEU A 835 -8.69 -5.85 2.15
CA LEU A 835 -9.50 -4.64 2.30
C LEU A 835 -8.87 -3.43 1.64
N ARG A 836 -7.72 -3.58 1.02
CA ARG A 836 -7.07 -2.42 0.40
C ARG A 836 -7.55 -2.16 -1.02
N GLN A 837 -8.24 -3.10 -1.65
CA GLN A 837 -8.99 -2.75 -2.84
C GLN A 837 -10.19 -1.89 -2.49
N ASP A 838 -10.87 -2.20 -1.38
CA ASP A 838 -12.04 -1.47 -0.95
C ASP A 838 -11.69 -0.10 -0.38
N MET A 839 -10.50 0.03 0.20
CA MET A 839 -10.11 1.28 0.83
C MET A 839 -9.60 2.30 -0.16
N LEU A 840 -9.23 1.87 -1.37
CA LEU A 840 -8.90 2.79 -2.45
C LEU A 840 -10.10 3.13 -3.31
N THR A 841 -11.04 2.20 -3.45
CA THR A 841 -12.29 2.51 -4.13
C THR A 841 -13.07 3.56 -3.38
N LEU A 842 -13.14 3.45 -2.05
CA LEU A 842 -13.86 4.43 -1.26
C LEU A 842 -13.15 5.77 -1.20
N GLN A 843 -11.85 5.80 -1.46
CA GLN A 843 -11.15 7.07 -1.55
C GLN A 843 -11.42 7.74 -2.88
N ILE A 844 -11.57 6.96 -3.95
CA ILE A 844 -11.90 7.52 -5.25
C ILE A 844 -13.34 8.05 -5.27
N ILE A 845 -14.25 7.32 -4.63
CA ILE A 845 -15.64 7.75 -4.59
C ILE A 845 -15.77 9.07 -3.84
N ARG A 846 -15.00 9.23 -2.77
CA ARG A 846 -15.06 10.49 -2.01
C ARG A 846 -14.51 11.64 -2.83
N ILE A 847 -13.53 11.38 -3.69
CA ILE A 847 -12.99 12.44 -4.53
C ILE A 847 -13.96 12.80 -5.65
N MET A 848 -14.58 11.80 -6.28
CA MET A 848 -15.63 12.09 -7.26
C MET A 848 -16.71 12.96 -6.66
N GLU A 849 -17.32 12.48 -5.56
CA GLU A 849 -18.41 13.22 -4.94
C GLU A 849 -17.99 14.64 -4.60
N ASN A 850 -16.71 14.85 -4.31
CA ASN A 850 -16.22 16.19 -4.04
C ASN A 850 -16.17 17.03 -5.31
N ILE A 851 -15.83 16.40 -6.44
CA ILE A 851 -15.80 17.12 -7.71
C ILE A 851 -17.21 17.53 -8.11
N TRP A 852 -18.16 16.59 -8.03
CA TRP A 852 -19.52 16.89 -8.44
C TRP A 852 -20.14 17.98 -7.57
N GLN A 853 -19.96 17.90 -6.26
CA GLN A 853 -20.51 18.92 -5.38
C GLN A 853 -19.93 20.29 -5.69
N ASN A 854 -18.61 20.37 -5.86
CA ASN A 854 -17.97 21.63 -6.13
C ASN A 854 -18.42 22.25 -7.44
N GLN A 855 -18.87 21.44 -8.39
CA GLN A 855 -19.16 21.99 -9.71
C GLN A 855 -20.56 22.59 -9.77
N GLY A 856 -21.59 21.74 -9.82
CA GLY A 856 -22.94 22.20 -9.62
C GLY A 856 -23.88 21.15 -9.06
N LEU A 857 -23.37 19.95 -8.86
CA LEU A 857 -24.21 18.77 -8.69
C LEU A 857 -24.31 18.39 -7.22
N ASP A 858 -25.35 17.65 -6.90
CA ASP A 858 -25.58 17.17 -5.55
C ASP A 858 -25.85 15.67 -5.56
N LEU A 859 -25.00 14.93 -6.28
CA LEU A 859 -25.06 13.48 -6.25
C LEU A 859 -24.48 13.01 -4.94
N ARG A 860 -25.35 12.63 -4.00
CA ARG A 860 -24.93 12.31 -2.65
C ARG A 860 -24.47 10.85 -2.60
N MET A 861 -23.18 10.66 -2.42
CA MET A 861 -22.57 9.35 -2.27
C MET A 861 -22.28 9.09 -0.80
N LEU A 862 -21.99 7.83 -0.48
CA LEU A 862 -21.72 7.39 0.89
C LEU A 862 -20.41 6.62 0.93
N PRO A 863 -19.29 7.30 1.07
CA PRO A 863 -17.99 6.64 1.23
C PRO A 863 -17.67 6.35 2.69
N TYR A 864 -18.24 5.27 3.20
CA TYR A 864 -18.06 4.92 4.61
C TYR A 864 -16.59 4.65 4.91
N GLY A 865 -16.31 4.35 6.17
CA GLY A 865 -14.94 4.17 6.60
C GLY A 865 -14.45 2.75 6.41
N CYS A 866 -13.20 2.62 5.98
CA CYS A 866 -12.55 1.34 5.81
C CYS A 866 -11.07 1.52 6.10
N LEU A 867 -10.48 0.55 6.79
CA LEU A 867 -9.08 0.62 7.16
C LEU A 867 -8.55 -0.80 7.29
N SER A 868 -7.45 -1.09 6.59
CA SER A 868 -6.78 -2.37 6.71
C SER A 868 -5.64 -2.22 7.70
N ILE A 869 -5.66 -3.06 8.74
CA ILE A 869 -4.75 -2.94 9.87
C ILE A 869 -3.68 -4.01 9.85
N GLY A 870 -3.66 -4.87 8.84
CA GLY A 870 -2.70 -5.94 8.80
C GLY A 870 -2.75 -6.73 7.51
N ASP A 871 -2.44 -8.03 7.59
CA ASP A 871 -2.44 -8.89 6.40
C ASP A 871 -3.83 -9.47 6.21
N CYS A 872 -4.61 -8.85 5.32
CA CYS A 872 -5.96 -9.31 5.03
C CYS A 872 -6.85 -9.27 6.26
N VAL A 873 -6.69 -8.26 7.10
CA VAL A 873 -7.55 -8.00 8.24
C VAL A 873 -7.82 -6.51 8.29
N GLY A 874 -9.07 -6.13 8.56
CA GLY A 874 -9.41 -4.72 8.50
C GLY A 874 -10.71 -4.42 9.21
N LEU A 875 -11.01 -3.13 9.27
CA LEU A 875 -12.17 -2.61 9.98
C LEU A 875 -13.07 -1.86 9.01
N ILE A 876 -14.38 -2.01 9.17
CA ILE A 876 -15.36 -1.35 8.32
C ILE A 876 -16.40 -0.69 9.20
N GLU A 877 -16.69 0.58 8.93
CA GLU A 877 -17.80 1.21 9.62
C GLU A 877 -19.10 0.50 9.27
N VAL A 878 -20.15 0.86 9.99
CA VAL A 878 -21.50 0.36 9.73
C VAL A 878 -22.42 1.55 9.61
N VAL A 879 -23.26 1.54 8.58
CA VAL A 879 -24.19 2.63 8.33
C VAL A 879 -25.49 2.32 9.07
N ARG A 880 -25.88 3.22 9.97
CA ARG A 880 -27.08 3.01 10.76
C ARG A 880 -28.32 3.06 9.88
N ASN A 881 -29.28 2.20 10.20
CA ASN A 881 -30.59 2.22 9.54
C ASN A 881 -30.46 2.02 8.04
N SER A 882 -30.00 0.83 7.66
CA SER A 882 -29.83 0.49 6.26
C SER A 882 -30.13 -0.98 6.05
N HIS A 883 -30.79 -1.28 4.94
CA HIS A 883 -31.15 -2.64 4.61
C HIS A 883 -30.73 -2.92 3.18
N THR A 884 -30.14 -4.09 2.95
CA THR A 884 -29.77 -4.45 1.59
C THR A 884 -31.03 -4.63 0.74
N ILE A 885 -30.87 -4.48 -0.57
CA ILE A 885 -32.02 -4.62 -1.45
C ILE A 885 -32.66 -5.99 -1.28
N MET A 886 -31.85 -7.01 -1.03
CA MET A 886 -32.39 -8.34 -0.82
C MET A 886 -33.29 -8.39 0.41
N GLN A 887 -32.90 -7.72 1.49
CA GLN A 887 -33.72 -7.72 2.69
C GLN A 887 -35.09 -7.11 2.42
N ILE A 888 -35.13 -5.99 1.69
CA ILE A 888 -36.39 -5.31 1.43
C ILE A 888 -37.30 -6.18 0.58
N GLN A 889 -36.73 -6.91 -0.37
CA GLN A 889 -37.54 -7.81 -1.20
C GLN A 889 -38.10 -8.96 -0.37
N CYS A 890 -37.27 -9.58 0.47
CA CYS A 890 -37.73 -10.74 1.24
C CYS A 890 -38.86 -10.36 2.19
N LYS A 891 -38.72 -9.22 2.87
CA LYS A 891 -39.77 -8.76 3.77
C LYS A 891 -40.92 -8.08 3.04
N GLY A 892 -40.79 -7.87 1.74
CA GLY A 892 -41.83 -7.22 0.95
C GLY A 892 -42.85 -8.14 0.33
N GLY A 893 -42.84 -9.43 0.67
CA GLY A 893 -43.79 -10.37 0.13
C GLY A 893 -43.59 -11.78 0.64
N ASN A 901 -41.72 -9.80 -7.25
CA ASN A 901 -42.33 -8.54 -7.63
C ASN A 901 -41.29 -7.51 -8.02
N SER A 902 -41.76 -6.33 -8.42
CA SER A 902 -40.87 -5.23 -8.79
C SER A 902 -41.24 -3.90 -8.15
N HIS A 903 -42.48 -3.71 -7.71
CA HIS A 903 -42.89 -2.49 -7.02
C HIS A 903 -42.61 -2.54 -5.53
N THR A 904 -42.04 -3.65 -5.04
CA THR A 904 -41.83 -3.78 -3.61
C THR A 904 -40.90 -2.69 -3.08
N LEU A 905 -39.80 -2.42 -3.78
CA LEU A 905 -38.86 -1.41 -3.32
C LEU A 905 -39.51 -0.04 -3.26
N HIS A 906 -40.24 0.34 -4.31
CA HIS A 906 -40.88 1.64 -4.32
C HIS A 906 -41.94 1.73 -3.22
N GLN A 907 -42.70 0.67 -3.02
CA GLN A 907 -43.68 0.66 -1.93
C GLN A 907 -42.99 0.79 -0.58
N TRP A 908 -41.84 0.12 -0.42
CA TRP A 908 -41.13 0.19 0.86
C TRP A 908 -40.70 1.63 1.17
N LEU A 909 -40.18 2.35 0.17
CA LEU A 909 -39.84 3.74 0.40
C LEU A 909 -41.08 4.56 0.73
N LYS A 910 -42.19 4.30 0.04
CA LYS A 910 -43.43 5.01 0.36
C LYS A 910 -43.84 4.78 1.80
N ASP A 911 -43.72 3.54 2.27
CA ASP A 911 -44.16 3.21 3.62
C ASP A 911 -43.37 3.99 4.66
N LYS A 912 -42.05 4.06 4.50
CA LYS A 912 -41.21 4.64 5.54
C LYS A 912 -41.47 6.13 5.71
N ASN A 913 -41.45 6.89 4.63
CA ASN A 913 -41.63 8.34 4.68
C ASN A 913 -42.81 8.73 3.81
N LYS A 914 -43.97 8.87 4.45
CA LYS A 914 -45.20 9.27 3.78
C LYS A 914 -45.44 10.76 3.98
N GLY A 915 -46.09 11.38 3.00
CA GLY A 915 -46.45 12.78 3.12
C GLY A 915 -45.66 13.68 2.21
N GLU A 916 -45.46 14.93 2.63
CA GLU A 916 -44.71 15.87 1.81
C GLU A 916 -43.26 15.44 1.66
N ILE A 917 -42.73 14.69 2.62
CA ILE A 917 -41.34 14.26 2.56
C ILE A 917 -41.08 13.21 1.50
N TYR A 918 -42.14 12.56 0.99
CA TYR A 918 -41.95 11.51 0.01
C TYR A 918 -41.15 11.98 -1.19
N ASP A 919 -41.33 13.26 -1.57
CA ASP A 919 -40.61 13.78 -2.73
C ASP A 919 -39.11 13.77 -2.50
N ALA A 920 -38.68 14.13 -1.29
CA ALA A 920 -37.24 14.13 -1.00
C ALA A 920 -36.67 12.74 -1.09
N ALA A 921 -37.41 11.73 -0.64
CA ALA A 921 -36.94 10.35 -0.73
C ALA A 921 -36.72 9.94 -2.18
N ILE A 922 -37.66 10.27 -3.06
CA ILE A 922 -37.49 9.95 -4.47
C ILE A 922 -36.42 10.83 -5.09
N ASP A 923 -36.27 12.06 -4.58
CA ASP A 923 -35.24 12.95 -5.11
C ASP A 923 -33.86 12.52 -4.64
N LEU A 924 -33.75 12.01 -3.42
CA LEU A 924 -32.46 11.56 -2.92
C LEU A 924 -32.07 10.20 -3.49
N PHE A 925 -33.05 9.31 -3.65
CA PHE A 925 -32.74 8.02 -4.28
C PHE A 925 -32.24 8.21 -5.70
N THR A 926 -32.66 9.30 -6.36
CA THR A 926 -32.28 9.52 -7.74
C THR A 926 -30.88 10.12 -7.84
N ARG A 927 -30.59 11.12 -7.01
CA ARG A 927 -29.26 11.72 -7.02
C ARG A 927 -28.20 10.71 -6.60
N SER A 928 -28.49 9.92 -5.57
CA SER A 928 -27.55 8.89 -5.15
C SER A 928 -27.43 7.77 -6.17
N CYS A 929 -28.55 7.36 -6.76
CA CYS A 929 -28.52 6.31 -7.77
C CYS A 929 -27.82 6.74 -9.05
N ALA A 930 -27.78 8.04 -9.33
CA ALA A 930 -27.08 8.54 -10.51
C ALA A 930 -25.58 8.53 -10.31
N GLY A 931 -25.12 8.89 -9.12
CA GLY A 931 -23.69 8.90 -8.87
C GLY A 931 -23.08 7.52 -8.93
N TYR A 932 -23.78 6.53 -8.38
CA TYR A 932 -23.23 5.18 -8.33
C TYR A 932 -23.33 4.45 -9.67
N CYS A 933 -24.13 4.96 -10.60
CA CYS A 933 -24.12 4.45 -11.97
C CYS A 933 -22.91 4.95 -12.75
N VAL A 934 -22.45 6.16 -12.45
CA VAL A 934 -21.30 6.72 -13.14
C VAL A 934 -20.01 6.22 -12.50
N ALA A 935 -19.94 6.23 -11.16
CA ALA A 935 -18.75 5.77 -10.48
C ALA A 935 -18.49 4.29 -10.72
N THR A 936 -19.56 3.49 -10.71
CA THR A 936 -19.41 2.06 -10.95
C THR A 936 -18.93 1.79 -12.36
N PHE A 937 -19.40 2.57 -13.33
CA PHE A 937 -19.03 2.32 -14.72
C PHE A 937 -17.59 2.73 -14.99
N ILE A 938 -17.19 3.91 -14.50
CA ILE A 938 -15.86 4.42 -14.79
C ILE A 938 -14.79 3.50 -14.20
N LEU A 939 -15.00 3.00 -12.98
CA LEU A 939 -14.03 2.15 -12.33
C LEU A 939 -14.21 0.67 -12.65
N GLY A 940 -15.34 0.27 -13.20
CA GLY A 940 -15.56 -1.11 -13.56
C GLY A 940 -15.49 -2.06 -12.39
N ILE A 941 -16.11 -1.70 -11.27
CA ILE A 941 -16.05 -2.53 -10.08
C ILE A 941 -16.80 -3.83 -10.33
N GLY A 942 -16.57 -4.83 -9.50
CA GLY A 942 -17.25 -6.10 -9.63
C GLY A 942 -18.75 -5.92 -9.74
N ASP A 943 -19.40 -6.96 -10.25
CA ASP A 943 -20.83 -6.87 -10.52
C ASP A 943 -21.62 -6.76 -9.22
N ARG A 944 -22.60 -5.87 -9.23
CA ARG A 944 -23.49 -5.71 -8.08
C ARG A 944 -24.69 -6.62 -8.23
N HIS A 945 -25.31 -6.93 -7.10
CA HIS A 945 -26.56 -7.68 -7.06
C HIS A 945 -27.36 -7.15 -5.88
N ASN A 946 -28.37 -7.92 -5.47
CA ASN A 946 -29.25 -7.47 -4.40
C ASN A 946 -28.62 -7.59 -3.02
N SER A 947 -27.53 -8.34 -2.88
CA SER A 947 -26.93 -8.56 -1.58
C SER A 947 -25.92 -7.50 -1.18
N ASN A 948 -25.31 -6.83 -2.14
CA ASN A 948 -24.27 -5.84 -1.86
C ASN A 948 -24.67 -4.49 -2.41
N ILE A 949 -25.92 -4.10 -2.17
CA ILE A 949 -26.43 -2.79 -2.54
C ILE A 949 -27.48 -2.43 -1.51
N MET A 950 -27.30 -1.30 -0.83
CA MET A 950 -28.11 -0.95 0.33
C MET A 950 -28.81 0.38 0.12
N VAL A 951 -29.85 0.59 0.93
CA VAL A 951 -30.64 1.81 0.85
C VAL A 951 -31.09 2.22 2.23
N LYS A 952 -30.87 3.48 2.59
CA LYS A 952 -31.29 3.97 3.89
C LYS A 952 -32.78 4.30 3.88
N ASP A 953 -33.38 4.29 5.08
CA ASP A 953 -34.80 4.60 5.17
C ASP A 953 -35.11 5.95 4.56
N ASP A 954 -34.18 6.89 4.65
CA ASP A 954 -34.38 8.22 4.07
C ASP A 954 -34.52 8.13 2.56
N GLY A 955 -33.91 7.14 1.93
CA GLY A 955 -33.97 6.95 0.50
C GLY A 955 -32.62 6.86 -0.18
N GLN A 956 -31.55 7.29 0.49
CA GLN A 956 -30.23 7.27 -0.12
C GLN A 956 -29.79 5.86 -0.45
N LEU A 957 -29.03 5.71 -1.53
CA LEU A 957 -28.55 4.43 -2.02
C LEU A 957 -27.03 4.42 -1.97
N PHE A 958 -26.46 3.29 -1.58
CA PHE A 958 -25.01 3.14 -1.58
C PHE A 958 -24.64 1.68 -1.80
N HIS A 959 -23.39 1.47 -2.20
CA HIS A 959 -22.86 0.16 -2.52
C HIS A 959 -21.89 -0.29 -1.45
N ILE A 960 -21.76 -1.60 -1.31
CA ILE A 960 -20.84 -2.21 -0.35
C ILE A 960 -20.14 -3.39 -1.01
N ASP A 961 -19.03 -3.80 -0.42
CA ASP A 961 -18.26 -4.96 -0.85
C ASP A 961 -17.80 -4.82 -2.30
N PHE A 962 -16.92 -3.82 -2.50
CA PHE A 962 -16.29 -3.59 -3.80
C PHE A 962 -15.17 -4.62 -4.05
N GLY A 963 -15.59 -5.85 -4.31
CA GLY A 963 -14.64 -6.94 -4.44
C GLY A 963 -13.41 -6.62 -5.26
N HIS A 964 -13.58 -6.43 -6.57
CA HIS A 964 -12.47 -6.13 -7.46
C HIS A 964 -12.85 -4.96 -8.37
N PHE A 965 -11.85 -4.27 -8.89
CA PHE A 965 -12.07 -3.21 -9.86
C PHE A 965 -11.13 -3.39 -11.03
N LEU A 966 -11.54 -2.86 -12.18
CA LEU A 966 -10.69 -2.79 -13.36
C LEU A 966 -10.53 -4.13 -14.07
N ASP A 967 -11.07 -5.20 -13.51
CA ASP A 967 -10.81 -6.53 -14.05
C ASP A 967 -11.69 -7.56 -13.36
N HIS A 968 -11.44 -8.82 -13.66
CA HIS A 968 -12.10 -9.95 -13.02
C HIS A 968 -11.60 -11.25 -13.62
N GLU A 978 -15.34 -0.42 -20.79
CA GLU A 978 -16.22 -0.71 -21.91
C GLU A 978 -16.87 -2.08 -21.73
N ARG A 979 -16.26 -2.91 -20.89
CA ARG A 979 -16.74 -4.27 -20.66
C ARG A 979 -17.51 -4.38 -19.35
N VAL A 980 -18.20 -3.31 -18.94
CA VAL A 980 -19.04 -3.33 -17.75
C VAL A 980 -20.33 -2.61 -18.07
N PRO A 981 -21.48 -3.27 -18.03
CA PRO A 981 -22.75 -2.61 -18.33
C PRO A 981 -23.20 -1.74 -17.16
N PHE A 982 -24.42 -1.21 -17.28
CA PHE A 982 -25.01 -0.40 -16.22
C PHE A 982 -25.72 -1.28 -15.19
N VAL A 983 -25.50 -0.94 -13.92
CA VAL A 983 -26.02 -1.74 -12.81
C VAL A 983 -27.53 -1.56 -12.68
N LEU A 984 -28.07 -0.56 -13.35
CA LEU A 984 -29.47 -0.20 -13.15
C LEU A 984 -30.40 -1.27 -13.70
N THR A 985 -31.55 -1.44 -13.06
CA THR A 985 -32.52 -2.46 -13.44
C THR A 985 -33.93 -1.91 -13.25
N GLN A 986 -34.90 -2.81 -13.37
CA GLN A 986 -36.31 -2.39 -13.38
C GLN A 986 -36.78 -1.93 -12.00
N ASP A 987 -36.24 -2.52 -10.93
CA ASP A 987 -36.67 -2.13 -9.59
C ASP A 987 -36.38 -0.66 -9.31
N PHE A 988 -35.18 -0.21 -9.68
CA PHE A 988 -34.80 1.17 -9.43
C PHE A 988 -35.45 2.14 -10.41
N LEU A 989 -35.76 1.69 -11.62
CA LEU A 989 -36.42 2.55 -12.58
C LEU A 989 -37.80 2.95 -12.08
N ILE A 990 -38.55 2.01 -11.51
CA ILE A 990 -39.87 2.33 -10.98
C ILE A 990 -39.79 3.42 -9.93
N VAL A 991 -38.76 3.35 -9.07
CA VAL A 991 -38.60 4.37 -8.04
C VAL A 991 -38.23 5.70 -8.68
N ILE A 992 -37.41 5.68 -9.73
CA ILE A 992 -36.99 6.93 -10.37
C ILE A 992 -38.20 7.66 -10.91
N SER A 993 -39.09 6.95 -11.59
CA SER A 993 -40.26 7.54 -12.24
C SER A 993 -41.46 7.63 -11.31
N LYS A 994 -41.32 7.25 -10.06
CA LYS A 994 -42.40 7.39 -9.07
C LYS A 994 -43.53 6.41 -9.33
N GLY A 995 -43.18 5.20 -9.75
CA GLY A 995 -44.15 4.14 -9.88
C GLY A 995 -44.80 4.03 -11.25
N ALA A 996 -44.62 5.01 -12.11
CA ALA A 996 -45.19 4.96 -13.45
C ALA A 996 -44.72 3.69 -14.16
N GLN A 997 -45.65 3.02 -14.84
CA GLN A 997 -45.30 1.78 -15.53
C GLN A 997 -44.42 2.05 -16.74
N GLU A 998 -44.63 3.18 -17.41
CA GLU A 998 -43.79 3.59 -18.53
C GLU A 998 -42.60 4.36 -17.96
N CYS A 999 -41.51 3.65 -17.68
CA CYS A 999 -40.38 4.23 -16.98
C CYS A 999 -39.39 4.92 -17.91
N THR A 1000 -39.11 4.33 -19.07
CA THR A 1000 -38.08 4.88 -19.94
C THR A 1000 -38.45 6.24 -20.48
N LYS A 1001 -39.72 6.43 -20.87
CA LYS A 1001 -40.15 7.65 -21.55
C LYS A 1001 -40.84 8.62 -20.60
N THR A 1002 -40.38 8.71 -19.36
CA THR A 1002 -40.97 9.64 -18.40
C THR A 1002 -40.11 10.90 -18.30
N ARG A 1003 -40.73 11.98 -17.85
CA ARG A 1003 -39.98 13.21 -17.62
C ARG A 1003 -38.95 13.01 -16.52
N GLU A 1004 -39.32 12.28 -15.47
CA GLU A 1004 -38.39 12.03 -14.38
C GLU A 1004 -37.15 11.29 -14.88
N PHE A 1005 -37.35 10.24 -15.68
CA PHE A 1005 -36.22 9.44 -16.14
C PHE A 1005 -35.26 10.26 -16.98
N GLU A 1006 -35.79 11.12 -17.85
CA GLU A 1006 -34.91 11.93 -18.68
C GLU A 1006 -34.14 12.95 -17.86
N ARG A 1007 -34.66 13.33 -16.69
CA ARG A 1007 -33.87 14.15 -15.78
C ARG A 1007 -32.77 13.32 -15.14
N PHE A 1008 -33.05 12.04 -14.87
CA PHE A 1008 -32.02 11.15 -14.34
C PHE A 1008 -30.85 11.02 -15.30
N GLN A 1009 -31.15 10.89 -16.60
CA GLN A 1009 -30.10 10.81 -17.60
C GLN A 1009 -29.34 12.11 -17.72
N GLU A 1010 -29.99 13.24 -17.42
CA GLU A 1010 -29.34 14.53 -17.60
C GLU A 1010 -28.19 14.71 -16.62
N MET A 1011 -28.36 14.27 -15.37
CA MET A 1011 -27.28 14.35 -14.41
C MET A 1011 -26.36 13.15 -14.44
N CYS A 1012 -26.69 12.10 -15.18
CA CYS A 1012 -25.71 11.06 -15.45
C CYS A 1012 -24.68 11.54 -16.46
N TYR A 1013 -25.10 12.33 -17.45
CA TYR A 1013 -24.15 12.88 -18.42
C TYR A 1013 -23.31 13.98 -17.81
N LYS A 1014 -23.95 14.90 -17.07
CA LYS A 1014 -23.19 15.98 -16.47
C LYS A 1014 -22.15 15.44 -15.49
N ALA A 1015 -22.47 14.32 -14.84
CA ALA A 1015 -21.53 13.71 -13.92
C ALA A 1015 -20.36 13.09 -14.68
N TYR A 1016 -20.65 12.34 -15.74
CA TYR A 1016 -19.59 11.68 -16.50
C TYR A 1016 -18.65 12.70 -17.13
N LEU A 1017 -19.20 13.77 -17.70
CA LEU A 1017 -18.34 14.79 -18.31
C LEU A 1017 -17.55 15.56 -17.26
N ALA A 1018 -18.02 15.59 -16.01
CA ALA A 1018 -17.27 16.28 -14.97
C ALA A 1018 -16.04 15.48 -14.54
N ILE A 1019 -16.19 14.16 -14.41
CA ILE A 1019 -15.05 13.33 -14.05
C ILE A 1019 -14.05 13.27 -15.20
N ARG A 1020 -14.55 13.22 -16.43
CA ARG A 1020 -13.67 13.15 -17.59
C ARG A 1020 -12.74 14.35 -17.66
N GLN A 1021 -13.15 15.50 -17.13
CA GLN A 1021 -12.28 16.66 -17.16
C GLN A 1021 -11.13 16.55 -16.18
N HIS A 1022 -11.36 15.88 -15.05
CA HIS A 1022 -10.33 15.65 -14.04
C HIS A 1022 -9.74 14.26 -14.14
N ALA A 1023 -9.60 13.72 -15.34
CA ALA A 1023 -9.01 12.40 -15.48
C ALA A 1023 -7.53 12.39 -15.14
N ASN A 1024 -6.89 13.55 -15.11
CA ASN A 1024 -5.48 13.58 -14.72
C ASN A 1024 -5.30 13.15 -13.28
N LEU A 1025 -6.20 13.57 -12.39
CA LEU A 1025 -6.09 13.22 -10.98
C LEU A 1025 -6.30 11.73 -10.76
N PHE A 1026 -7.27 11.15 -11.46
CA PHE A 1026 -7.58 9.74 -11.26
C PHE A 1026 -6.57 8.82 -11.94
N ILE A 1027 -5.78 9.34 -12.86
CA ILE A 1027 -4.74 8.51 -13.47
C ILE A 1027 -3.53 8.44 -12.57
N ASN A 1028 -3.31 9.45 -11.73
CA ASN A 1028 -2.20 9.42 -10.79
C ASN A 1028 -2.54 8.60 -9.56
N LEU A 1029 -3.73 8.81 -8.98
CA LEU A 1029 -4.10 8.04 -7.79
C LEU A 1029 -3.94 6.56 -8.02
N PHE A 1030 -4.27 6.08 -9.22
CA PHE A 1030 -4.02 4.68 -9.55
C PHE A 1030 -2.57 4.43 -9.90
N SER A 1031 -1.90 5.41 -10.52
CA SER A 1031 -0.53 5.22 -10.97
C SER A 1031 0.47 5.25 -9.82
N MET A 1032 0.08 5.77 -8.67
CA MET A 1032 0.95 5.82 -7.51
C MET A 1032 0.83 4.58 -6.66
N MET A 1033 0.04 3.59 -7.08
CA MET A 1033 -0.19 2.38 -6.30
C MET A 1033 0.25 1.12 -7.03
N LEU A 1034 1.10 1.26 -8.05
CA LEU A 1034 1.50 0.09 -8.84
C LEU A 1034 2.35 -0.88 -8.02
N GLY A 1035 3.24 -0.35 -7.19
CA GLY A 1035 4.00 -1.20 -6.29
C GLY A 1035 3.25 -1.61 -5.05
N SER A 1036 2.01 -1.17 -4.90
CA SER A 1036 1.23 -1.47 -3.70
C SER A 1036 1.02 -2.95 -3.49
N GLY A 1037 1.20 -3.76 -4.52
CA GLY A 1037 1.01 -5.18 -4.40
C GLY A 1037 -0.42 -5.66 -4.63
N MET A 1038 -1.35 -4.76 -4.90
CA MET A 1038 -2.71 -5.20 -5.17
C MET A 1038 -2.72 -6.08 -6.42
N PRO A 1039 -3.47 -7.18 -6.41
CA PRO A 1039 -3.39 -8.13 -7.52
C PRO A 1039 -3.76 -7.55 -8.88
N GLU A 1040 -4.72 -6.65 -8.95
CA GLU A 1040 -5.23 -6.17 -10.23
C GLU A 1040 -4.70 -4.80 -10.61
N LEU A 1041 -3.65 -4.33 -9.96
CA LEU A 1041 -3.07 -3.03 -10.25
C LEU A 1041 -1.55 -3.13 -10.29
N GLN A 1042 -1.04 -4.11 -11.05
CA GLN A 1042 0.37 -4.43 -11.03
C GLN A 1042 1.20 -3.71 -12.09
N SER A 1043 0.57 -3.08 -13.08
CA SER A 1043 1.32 -2.47 -14.16
C SER A 1043 0.49 -1.35 -14.77
N PHE A 1044 1.16 -0.52 -15.57
CA PHE A 1044 0.46 0.57 -16.25
C PHE A 1044 -0.55 0.05 -17.27
N ASP A 1045 -0.45 -1.22 -17.65
CA ASP A 1045 -1.46 -1.80 -18.52
C ASP A 1045 -2.83 -1.80 -17.87
N ASP A 1046 -2.90 -2.11 -16.57
CA ASP A 1046 -4.18 -2.20 -15.90
C ASP A 1046 -4.86 -0.84 -15.80
N ILE A 1047 -4.07 0.22 -15.60
CA ILE A 1047 -4.64 1.56 -15.55
C ILE A 1047 -5.18 2.01 -16.89
N ALA A 1048 -5.01 1.21 -17.93
CA ALA A 1048 -5.54 1.55 -19.25
C ALA A 1048 -7.04 1.31 -19.36
N TYR A 1049 -7.62 0.54 -18.45
CA TYR A 1049 -9.07 0.36 -18.45
C TYR A 1049 -9.77 1.68 -18.18
N ILE A 1050 -9.27 2.45 -17.22
CA ILE A 1050 -9.91 3.73 -16.91
C ILE A 1050 -9.71 4.72 -18.04
N ARG A 1051 -8.58 4.64 -18.76
CA ARG A 1051 -8.38 5.48 -19.93
C ARG A 1051 -9.35 5.15 -21.04
N LYS A 1052 -10.01 4.00 -20.98
CA LYS A 1052 -10.96 3.57 -22.00
C LYS A 1052 -12.40 3.90 -21.64
N THR A 1053 -12.78 3.76 -20.36
CA THR A 1053 -14.12 4.11 -19.93
C THR A 1053 -14.33 5.60 -19.82
N LEU A 1054 -13.26 6.38 -19.77
CA LEU A 1054 -13.36 7.83 -19.85
C LEU A 1054 -13.16 8.35 -21.28
N ALA A 1055 -12.92 7.46 -22.24
CA ALA A 1055 -12.76 7.84 -23.63
C ALA A 1055 -11.76 8.98 -23.77
N LEU A 1056 -10.61 8.82 -23.10
CA LEU A 1056 -9.65 9.91 -23.04
C LEU A 1056 -9.03 10.23 -24.38
N ASP A 1057 -8.94 9.25 -25.28
CA ASP A 1057 -8.34 9.51 -26.59
C ASP A 1057 -9.28 10.26 -27.53
N LYS A 1058 -10.58 9.98 -27.45
CA LYS A 1058 -11.55 10.56 -28.36
C LYS A 1058 -11.75 12.04 -28.04
N THR A 1059 -12.69 12.66 -28.72
CA THR A 1059 -13.07 14.05 -28.47
C THR A 1059 -14.15 14.09 -27.40
N GLU A 1060 -14.31 15.25 -26.78
CA GLU A 1060 -15.30 15.40 -25.72
C GLU A 1060 -16.68 14.97 -26.21
N GLN A 1061 -17.00 15.23 -27.48
CA GLN A 1061 -18.30 14.86 -28.02
C GLN A 1061 -18.39 13.37 -28.32
N GLU A 1062 -17.31 12.78 -28.84
CA GLU A 1062 -17.34 11.35 -29.14
C GLU A 1062 -17.41 10.53 -27.87
N ALA A 1063 -16.76 11.00 -26.79
CA ALA A 1063 -16.83 10.30 -25.52
C ALA A 1063 -18.25 10.26 -24.99
N LEU A 1064 -18.96 11.39 -25.08
CA LEU A 1064 -20.33 11.44 -24.59
C LEU A 1064 -21.22 10.43 -25.32
N GLU A 1065 -21.02 10.29 -26.63
CA GLU A 1065 -21.74 9.26 -27.37
C GLU A 1065 -21.38 7.87 -26.90
N TYR A 1066 -20.11 7.65 -26.56
CA TYR A 1066 -19.69 6.34 -26.08
C TYR A 1066 -20.42 5.98 -24.79
N PHE A 1067 -20.60 6.95 -23.90
CA PHE A 1067 -21.34 6.70 -22.67
C PHE A 1067 -22.80 6.40 -22.98
N MET A 1068 -23.43 7.20 -23.84
CA MET A 1068 -24.84 7.00 -24.16
C MET A 1068 -25.07 5.62 -24.76
N LYS A 1069 -24.17 5.17 -25.64
CA LYS A 1069 -24.31 3.84 -26.20
C LYS A 1069 -24.24 2.77 -25.12
N GLN A 1070 -23.27 2.89 -24.21
CA GLN A 1070 -23.17 1.93 -23.12
C GLN A 1070 -24.40 1.97 -22.23
N MET A 1071 -24.88 3.18 -21.92
CA MET A 1071 -26.04 3.30 -21.04
C MET A 1071 -27.24 2.58 -21.63
N ASN A 1072 -27.60 2.89 -22.87
CA ASN A 1072 -28.77 2.28 -23.49
C ASN A 1072 -28.56 0.81 -23.78
N ASP A 1073 -27.38 0.43 -24.27
CA ASP A 1073 -27.16 -0.96 -24.66
C ASP A 1073 -27.29 -1.90 -23.47
N ALA A 1074 -26.74 -1.53 -22.32
CA ALA A 1074 -26.82 -2.41 -21.15
C ALA A 1074 -28.26 -2.61 -20.71
N HIS A 1075 -29.11 -1.62 -20.96
CA HIS A 1075 -30.51 -1.72 -20.57
C HIS A 1075 -31.41 -2.15 -21.72
N HIS A 1076 -30.84 -2.51 -22.86
CA HIS A 1076 -31.60 -2.94 -24.02
C HIS A 1076 -32.53 -1.83 -24.50
N GLY A 1077 -32.01 -0.60 -24.47
CA GLY A 1077 -32.75 0.57 -24.90
C GLY A 1077 -33.08 1.48 -23.74
N GLY A 1078 -33.11 2.77 -24.01
CA GLY A 1078 -33.41 3.76 -22.99
C GLY A 1078 -32.96 5.16 -23.37
N ASN B 322 3.64 -4.81 -57.42
CA ASN B 322 4.96 -5.41 -57.41
C ASN B 322 5.58 -5.34 -56.02
N ASN B 323 5.47 -4.18 -55.38
CA ASN B 323 6.01 -4.02 -54.05
C ASN B 323 5.04 -3.15 -53.29
N ASN B 324 4.63 -2.05 -53.90
CA ASN B 324 3.72 -1.10 -53.26
C ASN B 324 2.27 -1.57 -53.41
N MET B 325 1.98 -2.70 -52.79
CA MET B 325 0.63 -3.23 -52.79
C MET B 325 -0.25 -2.45 -51.81
N SER B 326 -1.52 -2.83 -51.72
CA SER B 326 -2.44 -2.13 -50.85
C SER B 326 -2.03 -2.31 -49.39
N LEU B 327 -2.24 -1.26 -48.59
CA LEU B 327 -1.88 -1.32 -47.18
C LEU B 327 -2.59 -2.45 -46.46
N GLN B 328 -3.79 -2.80 -46.91
CA GLN B 328 -4.52 -3.91 -46.31
C GLN B 328 -3.76 -5.21 -46.46
N ASP B 329 -3.21 -5.44 -47.65
CA ASP B 329 -2.46 -6.66 -47.89
C ASP B 329 -1.00 -6.49 -47.49
N ALA B 330 -0.78 -5.99 -46.28
CA ALA B 330 0.58 -5.79 -45.80
C ALA B 330 0.81 -6.65 -44.58
N GLU B 331 1.96 -7.33 -44.53
CA GLU B 331 2.27 -8.21 -43.42
C GLU B 331 2.36 -7.43 -42.10
N TRP B 332 3.03 -6.28 -42.13
CA TRP B 332 3.29 -5.55 -40.90
C TRP B 332 2.07 -4.77 -40.41
N TYR B 333 1.22 -4.30 -41.32
CA TYR B 333 0.04 -3.55 -40.91
C TYR B 333 -0.89 -4.43 -40.10
N TRP B 334 -1.26 -3.96 -38.91
CA TRP B 334 -2.05 -4.75 -37.98
C TRP B 334 -3.43 -4.18 -37.68
N GLY B 335 -3.79 -3.05 -38.26
CA GLY B 335 -5.15 -2.53 -38.13
C GLY B 335 -5.31 -1.69 -36.87
N ASP B 336 -6.32 -2.02 -36.08
CA ASP B 336 -6.67 -1.24 -34.89
C ASP B 336 -6.43 -2.11 -33.67
N ILE B 337 -5.19 -2.10 -33.18
CA ILE B 337 -4.82 -2.82 -31.97
C ILE B 337 -4.27 -1.81 -30.97
N SER B 338 -4.81 -1.83 -29.76
CA SER B 338 -4.39 -0.88 -28.75
C SER B 338 -2.90 -0.97 -28.51
N ARG B 339 -2.35 0.05 -27.86
CA ARG B 339 -0.92 0.07 -27.58
C ARG B 339 -0.52 -1.10 -26.70
N GLU B 340 -1.40 -1.53 -25.78
CA GLU B 340 -1.05 -2.62 -24.88
C GLU B 340 -0.80 -3.90 -25.66
N GLU B 341 -1.61 -4.17 -26.67
CA GLU B 341 -1.40 -5.37 -27.49
C GLU B 341 -0.08 -5.30 -28.25
N VAL B 342 0.26 -4.11 -28.76
CA VAL B 342 1.51 -3.98 -29.49
C VAL B 342 2.71 -4.19 -28.58
N ASN B 343 2.63 -3.75 -27.33
CA ASN B 343 3.74 -3.95 -26.41
C ASN B 343 4.00 -5.44 -26.18
N GLU B 344 2.95 -6.22 -25.99
CA GLU B 344 3.13 -7.66 -25.76
C GLU B 344 3.71 -8.35 -26.98
N LYS B 345 3.57 -7.75 -28.16
CA LYS B 345 4.08 -8.34 -29.40
C LYS B 345 5.48 -7.89 -29.75
N LEU B 346 5.98 -6.82 -29.13
CA LEU B 346 7.35 -6.37 -29.36
C LEU B 346 8.23 -6.62 -28.15
N ARG B 347 7.69 -7.21 -27.10
CA ARG B 347 8.42 -7.35 -25.84
C ARG B 347 9.63 -8.25 -26.03
N ASP B 348 10.79 -7.78 -25.55
CA ASP B 348 12.02 -8.56 -25.55
C ASP B 348 12.36 -9.07 -26.95
N THR B 349 12.19 -8.21 -27.94
CA THR B 349 12.50 -8.55 -29.32
C THR B 349 13.79 -7.85 -29.75
N ALA B 350 14.33 -8.32 -30.87
CA ALA B 350 15.60 -7.80 -31.35
C ALA B 350 15.48 -6.34 -31.73
N ASP B 351 16.60 -5.63 -31.65
CA ASP B 351 16.62 -4.25 -32.09
C ASP B 351 16.29 -4.16 -33.57
N GLY B 352 15.37 -3.26 -33.91
CA GLY B 352 14.94 -3.09 -35.29
C GLY B 352 13.59 -3.67 -35.65
N THR B 353 12.87 -4.25 -34.69
CA THR B 353 11.54 -4.77 -34.94
C THR B 353 10.54 -3.62 -35.04
N PHE B 354 9.56 -3.76 -35.93
CA PHE B 354 8.59 -2.71 -36.17
C PHE B 354 7.26 -3.30 -36.63
N LEU B 355 6.20 -2.51 -36.47
CA LEU B 355 4.90 -2.83 -37.02
C LEU B 355 4.10 -1.53 -37.08
N VAL B 356 3.08 -1.53 -37.93
CA VAL B 356 2.26 -0.33 -38.15
C VAL B 356 0.82 -0.64 -37.76
N ARG B 357 0.11 0.40 -37.31
CA ARG B 357 -1.26 0.25 -36.89
C ARG B 357 -1.95 1.61 -36.97
N ASP B 358 -3.28 1.58 -36.93
CA ASP B 358 -4.04 2.82 -36.96
C ASP B 358 -3.81 3.63 -35.70
N ALA B 359 -3.71 4.94 -35.85
CA ALA B 359 -3.46 5.81 -34.71
C ALA B 359 -4.54 5.62 -33.64
N SER B 360 -4.14 5.82 -32.39
CA SER B 360 -5.03 5.56 -31.26
C SER B 360 -6.25 6.48 -31.25
N THR B 361 -6.15 7.67 -31.84
CA THR B 361 -7.27 8.59 -31.84
C THR B 361 -8.46 8.08 -32.65
N LYS B 362 -8.24 7.09 -33.52
CA LYS B 362 -9.23 6.47 -34.39
C LYS B 362 -9.53 7.33 -35.61
N MET B 363 -8.86 8.48 -35.78
CA MET B 363 -9.05 9.27 -36.99
C MET B 363 -8.53 8.52 -38.20
N HIS B 364 -9.07 8.83 -39.36
CA HIS B 364 -8.70 8.13 -40.58
C HIS B 364 -7.36 8.61 -41.11
N GLY B 365 -6.50 7.66 -41.46
CA GLY B 365 -5.26 7.96 -42.13
C GLY B 365 -4.18 8.57 -41.26
N ASP B 366 -3.79 7.89 -40.19
CA ASP B 366 -2.75 8.37 -39.30
C ASP B 366 -1.56 7.42 -39.20
N TYR B 367 -1.79 6.14 -38.88
CA TYR B 367 -0.79 5.09 -39.07
C TYR B 367 0.49 5.37 -38.27
N THR B 368 0.36 5.23 -36.95
CA THR B 368 1.54 5.29 -36.09
C THR B 368 2.45 4.08 -36.32
N LEU B 369 3.75 4.34 -36.34
CA LEU B 369 4.76 3.31 -36.51
C LEU B 369 5.53 3.13 -35.20
N THR B 370 5.51 1.92 -34.66
CA THR B 370 6.22 1.62 -33.42
C THR B 370 7.46 0.79 -33.72
N LEU B 371 8.61 1.31 -33.31
CA LEU B 371 9.91 0.73 -33.62
C LEU B 371 10.62 0.37 -32.31
N ARG B 372 11.30 -0.76 -32.31
CA ARG B 372 11.98 -1.25 -31.11
C ARG B 372 13.49 -1.05 -31.28
N LYS B 373 13.99 0.05 -30.73
CA LYS B 373 15.41 0.39 -30.82
C LYS B 373 15.94 0.72 -29.44
N GLY B 374 17.05 0.08 -29.07
CA GLY B 374 17.71 0.37 -27.80
C GLY B 374 16.91 -0.03 -26.59
N GLY B 375 16.29 -1.21 -26.61
CA GLY B 375 15.50 -1.69 -25.49
C GLY B 375 14.16 -1.01 -25.32
N ASN B 376 14.00 0.20 -25.86
CA ASN B 376 12.76 0.95 -25.75
C ASN B 376 11.94 0.81 -27.02
N ASN B 377 10.65 1.08 -26.89
CA ASN B 377 9.71 1.04 -28.00
C ASN B 377 9.53 2.46 -28.54
N LYS B 378 10.36 2.82 -29.52
CA LYS B 378 10.19 4.09 -30.20
C LYS B 378 8.85 4.11 -30.92
N LEU B 379 8.28 5.30 -31.04
CA LEU B 379 6.92 5.44 -31.54
C LEU B 379 6.88 6.66 -32.46
N ILE B 380 7.06 6.44 -33.75
CA ILE B 380 7.13 7.50 -34.75
C ILE B 380 5.80 7.59 -35.48
N LYS B 381 5.31 8.81 -35.66
CA LYS B 381 4.01 9.04 -36.28
C LYS B 381 4.16 9.35 -37.76
N ILE B 382 3.19 8.89 -38.55
CA ILE B 382 3.17 9.09 -40.00
C ILE B 382 2.10 10.11 -40.33
N PHE B 383 2.47 11.16 -41.06
CA PHE B 383 1.56 12.23 -41.41
C PHE B 383 1.04 12.03 -42.83
N HIS B 384 -0.25 12.30 -43.02
CA HIS B 384 -0.91 12.13 -44.31
C HIS B 384 -1.60 13.43 -44.69
N ARG B 385 -1.01 14.16 -45.64
CA ARG B 385 -1.57 15.43 -46.08
C ARG B 385 -1.59 15.47 -47.60
N ASP B 386 -2.74 15.85 -48.15
CA ASP B 386 -2.89 16.02 -49.60
C ASP B 386 -2.48 14.77 -50.36
N GLY B 387 -2.94 13.62 -49.89
CA GLY B 387 -2.61 12.37 -50.55
C GLY B 387 -1.12 12.06 -50.55
N LYS B 388 -0.45 12.32 -49.43
CA LYS B 388 0.96 12.02 -49.30
C LYS B 388 1.27 11.70 -47.85
N TYR B 389 2.39 11.00 -47.64
CA TYR B 389 2.76 10.50 -46.33
C TYR B 389 4.23 10.81 -46.05
N GLY B 390 4.56 10.85 -44.77
CA GLY B 390 5.94 11.09 -44.35
C GLY B 390 6.00 11.33 -42.86
N PHE B 391 7.23 11.37 -42.37
CA PHE B 391 7.49 11.66 -40.96
C PHE B 391 7.58 13.16 -40.71
N SER B 392 8.48 13.85 -41.40
CA SER B 392 8.69 15.27 -41.22
C SER B 392 7.79 16.06 -42.16
N ASP B 393 8.03 17.37 -42.27
CA ASP B 393 7.16 18.23 -43.05
C ASP B 393 7.02 17.79 -44.50
N PRO B 394 8.10 17.57 -45.25
CA PRO B 394 7.93 17.20 -46.67
C PRO B 394 7.44 15.77 -46.83
N LEU B 395 6.15 15.62 -47.15
CA LEU B 395 5.54 14.30 -47.28
C LEU B 395 5.71 13.79 -48.72
N THR B 396 6.98 13.58 -49.08
CA THR B 396 7.33 13.16 -50.45
C THR B 396 7.20 11.64 -50.58
N PHE B 397 6.00 11.15 -50.28
CA PHE B 397 5.72 9.72 -50.38
C PHE B 397 4.27 9.50 -50.78
N SER B 398 4.06 8.58 -51.71
CA SER B 398 2.72 8.33 -52.23
C SER B 398 1.85 7.52 -51.27
N SER B 399 2.43 6.56 -50.56
CA SER B 399 1.66 5.67 -49.70
C SER B 399 2.55 5.14 -48.58
N VAL B 400 1.91 4.56 -47.58
CA VAL B 400 2.65 4.03 -46.44
C VAL B 400 3.60 2.94 -46.88
N VAL B 401 3.14 2.05 -47.77
CA VAL B 401 3.93 0.88 -48.15
C VAL B 401 5.24 1.31 -48.79
N GLU B 402 5.21 2.33 -49.64
CA GLU B 402 6.44 2.80 -50.26
C GLU B 402 7.34 3.49 -49.25
N LEU B 403 6.76 4.25 -48.32
CA LEU B 403 7.57 4.90 -47.29
C LEU B 403 8.25 3.88 -46.40
N ILE B 404 7.52 2.83 -45.99
CA ILE B 404 8.13 1.78 -45.18
C ILE B 404 9.26 1.11 -45.95
N ASN B 405 9.03 0.78 -47.23
CA ASN B 405 10.06 0.09 -47.99
C ASN B 405 11.27 0.97 -48.24
N HIS B 406 11.06 2.28 -48.39
CA HIS B 406 12.20 3.18 -48.54
C HIS B 406 13.09 3.12 -47.31
N TYR B 407 12.51 3.20 -46.12
CA TYR B 407 13.27 3.14 -44.88
C TYR B 407 13.55 1.71 -44.43
N ARG B 408 12.93 0.72 -45.08
CA ARG B 408 13.27 -0.67 -44.82
C ARG B 408 14.58 -1.06 -45.45
N ASN B 409 15.13 -0.21 -46.33
CA ASN B 409 16.42 -0.45 -46.95
C ASN B 409 17.49 0.55 -46.51
N GLU B 410 17.10 1.74 -46.06
CA GLU B 410 18.03 2.73 -45.54
C GLU B 410 17.71 3.02 -44.08
N SER B 411 18.75 3.23 -43.28
CA SER B 411 18.57 3.48 -41.86
C SER B 411 17.83 4.79 -41.64
N LEU B 412 17.19 4.90 -40.47
CA LEU B 412 16.45 6.10 -40.10
C LEU B 412 17.35 7.23 -39.63
N ALA B 413 18.66 7.10 -39.83
CA ALA B 413 19.56 8.19 -39.47
C ALA B 413 19.27 9.45 -40.28
N GLN B 414 18.68 9.29 -41.47
CA GLN B 414 18.33 10.46 -42.27
C GLN B 414 17.27 11.30 -41.56
N TYR B 415 16.17 10.68 -41.14
CA TYR B 415 15.12 11.42 -40.46
C TYR B 415 15.60 11.92 -39.10
N ASN B 416 16.27 11.06 -38.34
CA ASN B 416 16.81 11.42 -37.04
C ASN B 416 18.26 10.98 -36.97
N PRO B 417 19.22 11.89 -36.82
CA PRO B 417 20.63 11.47 -36.77
C PRO B 417 20.91 10.50 -35.64
N LYS B 418 20.19 10.60 -34.52
CA LYS B 418 20.41 9.73 -33.36
C LYS B 418 19.46 8.53 -33.36
N LEU B 419 19.07 8.07 -34.53
CA LEU B 419 18.18 6.92 -34.67
C LEU B 419 18.68 6.07 -35.83
N ASP B 420 19.41 5.00 -35.51
CA ASP B 420 20.14 4.22 -36.52
C ASP B 420 19.59 2.79 -36.53
N VAL B 421 18.53 2.59 -37.29
CA VAL B 421 17.95 1.26 -37.45
C VAL B 421 17.23 1.23 -38.80
N LYS B 422 17.15 0.04 -39.39
CA LYS B 422 16.74 -0.09 -40.79
C LYS B 422 15.49 -0.93 -40.95
N LEU B 423 14.58 -0.90 -39.97
CA LEU B 423 13.31 -1.61 -40.06
C LEU B 423 13.51 -3.04 -40.58
N LEU B 424 14.28 -3.81 -39.81
CA LEU B 424 14.71 -5.11 -40.27
C LEU B 424 13.66 -6.19 -40.03
N TYR B 425 13.25 -6.38 -38.79
CA TYR B 425 12.40 -7.51 -38.43
C TYR B 425 10.95 -7.10 -38.24
N PRO B 426 10.13 -7.10 -39.28
CA PRO B 426 8.72 -6.79 -39.12
C PRO B 426 8.01 -7.89 -38.34
N VAL B 427 6.98 -7.49 -37.59
CA VAL B 427 6.17 -8.41 -36.82
C VAL B 427 4.95 -8.73 -37.68
N SER B 428 5.09 -9.77 -38.51
CA SER B 428 4.07 -10.10 -39.51
C SER B 428 2.89 -10.80 -38.86
N LYS B 429 1.68 -10.44 -39.30
CA LYS B 429 0.49 -11.09 -38.80
C LYS B 429 0.20 -12.40 -39.52
N TYR B 430 0.85 -12.64 -40.66
CA TYR B 430 0.69 -13.91 -41.35
C TYR B 430 1.44 -15.05 -40.69
N GLN B 431 2.50 -14.75 -39.94
CA GLN B 431 3.23 -15.81 -39.24
C GLN B 431 2.34 -16.52 -38.24
N GLN B 432 1.52 -15.78 -37.51
CA GLN B 432 0.57 -16.36 -36.58
C GLN B 432 -0.50 -17.20 -37.28
N ASP B 433 -0.70 -17.01 -38.58
CA ASP B 433 -1.77 -17.72 -39.27
C ASP B 433 -1.43 -19.20 -39.47
N GLN B 434 -0.19 -19.49 -39.87
CA GLN B 434 0.20 -20.88 -40.15
C GLN B 434 0.77 -21.56 -38.91
N VAL B 435 0.06 -21.44 -37.79
CA VAL B 435 0.41 -22.16 -36.57
C VAL B 435 -0.87 -22.78 -36.00
N VAL B 436 -2.01 -22.35 -36.52
CA VAL B 436 -3.31 -22.81 -36.04
C VAL B 436 -3.79 -23.96 -36.92
N LYS B 437 -4.72 -24.75 -36.38
CA LYS B 437 -5.29 -25.89 -37.09
C LYS B 437 -6.79 -25.94 -36.83
N GLU B 438 -7.47 -26.80 -37.58
CA GLU B 438 -8.91 -27.00 -37.45
C GLU B 438 -9.66 -25.68 -37.65
N ASP B 439 -9.51 -25.12 -38.86
CA ASP B 439 -10.06 -23.82 -39.18
C ASP B 439 -11.58 -23.80 -39.23
N ASN B 440 -12.23 -24.95 -39.24
CA ASN B 440 -13.69 -24.98 -39.28
C ASN B 440 -14.27 -24.35 -38.03
N ILE B 441 -15.59 -24.13 -38.04
CA ILE B 441 -16.25 -23.48 -36.92
C ILE B 441 -16.54 -24.42 -35.76
N GLU B 442 -16.70 -25.72 -36.01
CA GLU B 442 -16.99 -26.66 -34.94
C GLU B 442 -15.73 -27.17 -34.25
N ALA B 443 -14.69 -27.51 -35.02
CA ALA B 443 -13.45 -28.00 -34.42
C ALA B 443 -12.81 -26.94 -33.53
N VAL B 444 -12.82 -25.68 -33.99
CA VAL B 444 -12.26 -24.60 -33.18
C VAL B 444 -12.96 -24.54 -31.82
N GLY B 445 -14.28 -24.54 -31.83
CA GLY B 445 -15.01 -24.54 -30.56
C GLY B 445 -14.75 -25.79 -29.75
N LYS B 446 -14.67 -26.94 -30.42
CA LYS B 446 -14.41 -28.19 -29.70
C LYS B 446 -12.98 -28.21 -29.15
N LYS B 447 -12.00 -27.88 -29.99
CA LYS B 447 -10.62 -27.84 -29.52
C LYS B 447 -10.44 -26.75 -28.47
N LEU B 448 -11.04 -25.58 -28.69
CA LEU B 448 -10.95 -24.51 -27.72
C LEU B 448 -11.60 -24.90 -26.40
N HIS B 449 -12.70 -25.64 -26.47
CA HIS B 449 -13.39 -26.05 -25.24
C HIS B 449 -12.52 -26.94 -24.37
N GLU B 450 -11.73 -27.81 -25.00
CA GLU B 450 -10.89 -28.73 -24.23
C GLU B 450 -9.68 -28.04 -23.62
N TYR B 451 -9.12 -27.05 -24.31
CA TYR B 451 -8.06 -26.24 -23.69
C TYR B 451 -8.56 -25.58 -22.42
N ASN B 452 -9.74 -24.96 -22.46
CA ASN B 452 -10.27 -24.30 -21.28
C ASN B 452 -10.35 -25.25 -20.11
N THR B 453 -10.77 -26.50 -20.34
CA THR B 453 -10.75 -27.48 -19.27
C THR B 453 -9.34 -27.69 -18.74
N GLN B 454 -8.37 -27.79 -19.65
CA GLN B 454 -6.98 -27.89 -19.23
C GLN B 454 -6.52 -26.61 -18.53
N PHE B 455 -6.91 -25.45 -19.06
CA PHE B 455 -6.49 -24.18 -18.48
C PHE B 455 -7.00 -24.02 -17.06
N GLN B 456 -8.31 -24.19 -16.86
CA GLN B 456 -8.87 -24.02 -15.52
C GLN B 456 -8.29 -25.06 -14.55
N GLU B 457 -8.22 -26.32 -14.97
CA GLU B 457 -7.69 -27.34 -14.07
C GLU B 457 -6.19 -27.13 -13.84
N LYS B 458 -5.45 -26.80 -14.90
CA LYS B 458 -4.04 -26.51 -14.73
C LYS B 458 -3.84 -25.23 -13.93
N SER B 459 -4.58 -24.18 -14.26
CA SER B 459 -4.45 -22.92 -13.54
C SER B 459 -4.77 -23.10 -12.07
N ARG B 460 -5.90 -23.75 -11.77
CA ARG B 460 -6.25 -24.00 -10.37
C ARG B 460 -5.18 -24.85 -9.69
N GLU B 461 -4.56 -25.76 -10.46
CA GLU B 461 -3.48 -26.57 -9.89
C GLU B 461 -2.36 -25.70 -9.37
N TYR B 462 -1.95 -24.70 -10.15
CA TYR B 462 -0.90 -23.79 -9.70
C TYR B 462 -1.34 -23.02 -8.47
N ASP B 463 -2.58 -22.53 -8.45
CA ASP B 463 -3.04 -21.72 -7.34
C ASP B 463 -3.07 -22.50 -6.03
N ARG B 464 -3.47 -23.78 -6.09
CA ARG B 464 -3.48 -24.58 -4.88
C ARG B 464 -2.07 -24.74 -4.33
N LEU B 465 -1.09 -24.96 -5.23
CA LEU B 465 0.30 -25.06 -4.78
C LEU B 465 0.77 -23.77 -4.13
N TYR B 466 0.39 -22.63 -4.72
CA TYR B 466 0.74 -21.35 -4.12
C TYR B 466 0.32 -21.27 -2.67
N GLU B 467 -0.87 -21.80 -2.34
CA GLU B 467 -1.34 -21.77 -0.96
C GLU B 467 -0.42 -22.60 -0.06
N GLU B 468 0.00 -23.77 -0.51
CA GLU B 468 0.94 -24.55 0.26
C GLU B 468 2.28 -23.84 0.38
N TYR B 469 2.74 -23.23 -0.71
CA TYR B 469 4.03 -22.54 -0.69
C TYR B 469 4.01 -21.39 0.31
N THR B 470 2.93 -20.61 0.33
CA THR B 470 2.85 -19.48 1.26
C THR B 470 2.59 -19.96 2.68
N ARG B 471 1.70 -20.93 2.86
CA ARG B 471 1.48 -21.49 4.19
C ARG B 471 2.74 -22.16 4.71
N THR B 472 3.47 -22.85 3.82
CA THR B 472 4.72 -23.48 4.23
C THR B 472 5.75 -22.44 4.63
N SER B 473 5.81 -21.31 3.92
CA SER B 473 6.79 -20.29 4.24
C SER B 473 6.61 -19.76 5.66
N GLN B 474 5.36 -19.50 6.05
CA GLN B 474 5.11 -18.95 7.38
C GLN B 474 5.55 -19.92 8.47
N GLU B 475 5.30 -21.21 8.28
CA GLU B 475 5.70 -22.20 9.28
C GLU B 475 7.21 -22.24 9.44
N ILE B 476 7.95 -22.11 8.34
CA ILE B 476 9.40 -22.11 8.41
C ILE B 476 9.90 -20.93 9.22
N GLN B 477 9.35 -19.74 8.95
CA GLN B 477 9.79 -18.56 9.68
C GLN B 477 9.43 -18.66 11.15
N MET B 478 8.24 -19.17 11.46
CA MET B 478 7.86 -19.34 12.85
C MET B 478 8.81 -20.28 13.58
N LYS B 479 9.22 -21.37 12.93
CA LYS B 479 10.16 -22.29 13.55
C LYS B 479 11.52 -21.64 13.75
N ARG B 480 11.97 -20.84 12.78
CA ARG B 480 13.29 -20.23 12.89
C ARG B 480 13.38 -19.33 14.11
N THR B 481 12.34 -18.54 14.38
CA THR B 481 12.33 -17.69 15.56
C THR B 481 12.37 -18.53 16.83
N ALA B 482 11.70 -19.68 16.83
CA ALA B 482 11.74 -20.56 18.00
C ALA B 482 13.16 -21.02 18.28
N ILE B 483 13.94 -21.29 17.24
CA ILE B 483 15.32 -21.72 17.44
C ILE B 483 16.12 -20.63 18.13
N GLU B 484 15.94 -19.38 17.71
CA GLU B 484 16.64 -18.28 18.36
C GLU B 484 16.26 -18.17 19.83
N ALA B 485 14.98 -18.34 20.15
CA ALA B 485 14.55 -18.31 21.53
C ALA B 485 15.20 -19.45 22.33
N PHE B 486 15.30 -20.63 21.72
CA PHE B 486 15.95 -21.75 22.39
C PHE B 486 17.43 -21.43 22.66
N ASN B 487 18.11 -20.82 21.69
CA ASN B 487 19.51 -20.47 21.89
C ASN B 487 19.67 -19.54 23.07
N GLU B 488 18.82 -18.52 23.16
CA GLU B 488 18.89 -17.59 24.29
C GLU B 488 18.59 -18.31 25.60
N THR B 489 17.58 -19.17 25.61
CA THR B 489 17.25 -19.89 26.84
C THR B 489 18.41 -20.77 27.30
N ILE B 490 19.05 -21.47 26.35
CA ILE B 490 20.18 -22.32 26.69
C ILE B 490 21.30 -21.50 27.31
N LYS B 491 21.62 -20.36 26.70
CA LYS B 491 22.71 -19.54 27.23
C LYS B 491 22.40 -19.06 28.64
N ILE B 492 21.15 -18.69 28.90
CA ILE B 492 20.78 -18.27 30.25
C ILE B 492 20.96 -19.41 31.24
N PHE B 493 20.49 -20.60 30.88
CA PHE B 493 20.60 -21.74 31.79
C PHE B 493 22.05 -22.13 31.99
N GLU B 494 22.81 -22.31 30.91
CA GLU B 494 24.19 -22.75 31.03
C GLU B 494 25.03 -21.73 31.78
N GLU B 495 24.78 -20.43 31.56
CA GLU B 495 25.53 -19.42 32.27
C GLU B 495 25.30 -19.52 33.78
N GLN B 496 24.06 -19.79 34.18
CA GLN B 496 23.78 -19.99 35.61
C GLN B 496 24.58 -21.18 36.15
N CYS B 497 24.60 -22.28 35.42
CA CYS B 497 25.42 -23.42 35.82
C CYS B 497 26.87 -23.01 35.99
N GLN B 498 27.42 -22.31 35.00
CA GLN B 498 28.80 -21.83 35.11
C GLN B 498 28.95 -20.89 36.29
N THR B 499 27.93 -20.06 36.55
CA THR B 499 27.96 -19.22 37.74
C THR B 499 27.85 -20.04 39.02
N GLN B 500 27.26 -21.24 38.95
CA GLN B 500 27.13 -22.07 40.14
C GLN B 500 28.50 -22.36 40.75
N GLU B 501 29.43 -22.86 39.94
CA GLU B 501 30.77 -23.15 40.46
C GLU B 501 31.48 -21.88 40.91
N ARG B 502 31.36 -20.80 40.13
CA ARG B 502 32.06 -19.56 40.46
C ARG B 502 31.73 -19.13 41.88
N TYR B 503 30.45 -19.13 42.24
CA TYR B 503 30.06 -18.82 43.61
C TYR B 503 30.31 -19.99 44.56
N SER B 504 30.29 -21.22 44.05
CA SER B 504 30.56 -22.39 44.88
C SER B 504 32.05 -22.74 44.86
N LYS B 505 32.88 -21.76 45.20
CA LYS B 505 34.32 -21.93 45.32
C LYS B 505 34.85 -21.60 46.70
N GLU B 506 34.33 -20.55 47.33
CA GLU B 506 34.76 -20.18 48.67
C GLU B 506 33.92 -20.89 49.74
N TYR B 507 32.59 -20.85 49.60
CA TYR B 507 31.73 -21.51 50.58
C TYR B 507 31.89 -23.03 50.54
N ILE B 508 32.33 -23.58 49.42
CA ILE B 508 32.48 -25.04 49.31
C ILE B 508 33.50 -25.54 50.32
N GLU B 509 34.64 -24.84 50.44
CA GLU B 509 35.67 -25.27 51.37
C GLU B 509 35.15 -25.28 52.80
N LYS B 510 34.46 -24.21 53.21
CA LYS B 510 33.90 -24.17 54.56
C LYS B 510 32.81 -25.21 54.75
N PHE B 511 31.97 -25.42 53.72
CA PHE B 511 30.93 -26.42 53.82
C PHE B 511 31.52 -27.82 53.94
N LYS B 512 32.61 -28.09 53.22
CA LYS B 512 33.25 -29.39 53.30
C LYS B 512 33.79 -29.66 54.70
N ARG B 513 34.32 -28.64 55.37
CA ARG B 513 34.93 -28.84 56.67
C ARG B 513 33.93 -29.39 57.69
N GLU B 514 32.71 -28.86 57.69
CA GLU B 514 31.65 -29.35 58.54
C GLU B 514 30.94 -30.50 57.83
N GLY B 515 30.87 -31.65 58.48
CA GLY B 515 30.30 -32.83 57.88
C GLY B 515 28.79 -32.79 57.79
N ASN B 516 28.27 -31.88 56.97
CA ASN B 516 26.83 -31.74 56.77
C ASN B 516 26.47 -32.41 55.45
N GLU B 517 25.87 -33.60 55.53
CA GLU B 517 25.47 -34.32 54.33
C GLU B 517 24.40 -33.56 53.56
N LYS B 518 23.47 -32.93 54.26
CA LYS B 518 22.37 -32.24 53.60
C LYS B 518 22.88 -31.13 52.70
N GLU B 519 23.81 -30.31 53.19
CA GLU B 519 24.26 -29.17 52.40
C GLU B 519 24.92 -29.63 51.10
N ILE B 520 25.75 -30.68 51.19
CA ILE B 520 26.36 -31.23 49.98
C ILE B 520 25.29 -31.80 49.06
N GLN B 521 24.40 -32.62 49.61
CA GLN B 521 23.36 -33.23 48.79
C GLN B 521 22.37 -32.19 48.27
N ARG B 522 21.97 -31.26 49.13
CA ARG B 522 20.98 -30.26 48.71
C ARG B 522 21.55 -29.33 47.65
N ILE B 523 22.81 -28.91 47.81
CA ILE B 523 23.45 -28.10 46.77
C ILE B 523 23.51 -28.87 45.46
N MET B 524 23.94 -30.13 45.52
CA MET B 524 23.90 -30.95 44.33
C MET B 524 22.48 -31.21 43.87
N HIS B 525 21.52 -31.21 44.80
CA HIS B 525 20.13 -31.42 44.41
C HIS B 525 19.65 -30.33 43.46
N ASN B 526 19.94 -29.07 43.80
CA ASN B 526 19.65 -27.98 42.86
C ASN B 526 20.51 -28.10 41.61
N TYR B 527 21.79 -28.39 41.77
CA TYR B 527 22.67 -28.57 40.62
C TYR B 527 22.22 -29.76 39.78
N ASP B 528 21.82 -30.85 40.43
CA ASP B 528 21.34 -32.01 39.69
C ASP B 528 20.08 -31.67 38.90
N LYS B 529 19.15 -30.94 39.51
CA LYS B 529 17.96 -30.50 38.79
C LYS B 529 18.33 -29.59 37.63
N LEU B 530 19.30 -28.69 37.85
CA LEU B 530 19.69 -27.76 36.80
C LEU B 530 20.22 -28.51 35.58
N LYS B 531 21.00 -29.56 35.79
CA LYS B 531 21.52 -30.33 34.67
C LYS B 531 20.38 -30.96 33.87
N SER B 532 19.34 -31.45 34.56
CA SER B 532 18.20 -32.01 33.84
C SER B 532 17.50 -30.94 33.00
N ARG B 533 17.34 -29.74 33.55
CA ARG B 533 16.72 -28.66 32.79
C ARG B 533 17.56 -28.27 31.59
N ILE B 534 18.86 -28.08 31.80
CA ILE B 534 19.74 -27.73 30.70
C ILE B 534 19.69 -28.80 29.62
N SER B 535 19.84 -30.07 30.01
CA SER B 535 19.80 -31.16 29.05
C SER B 535 18.44 -31.27 28.37
N GLU B 536 17.37 -31.09 29.14
CA GLU B 536 16.03 -31.19 28.56
C GLU B 536 15.81 -30.11 27.51
N ILE B 537 16.23 -28.88 27.80
CA ILE B 537 16.03 -27.79 26.85
C ILE B 537 16.78 -28.05 25.56
N ILE B 538 18.03 -28.49 25.67
CA ILE B 538 18.84 -28.72 24.49
C ILE B 538 18.21 -29.81 23.61
N ASP B 539 17.59 -30.80 24.25
CA ASP B 539 16.86 -31.82 23.48
C ASP B 539 15.72 -31.19 22.69
N SER B 540 14.99 -30.25 23.30
CA SER B 540 13.89 -29.60 22.60
C SER B 540 14.38 -28.88 21.36
N ARG B 541 15.46 -28.10 21.50
CA ARG B 541 16.02 -27.42 20.33
C ARG B 541 16.52 -28.43 19.31
N ARG B 542 17.20 -29.49 19.77
CA ARG B 542 17.74 -30.48 18.86
C ARG B 542 16.64 -31.08 17.99
N ARG B 543 15.56 -31.55 18.61
CA ARG B 543 14.48 -32.17 17.86
C ARG B 543 13.82 -31.16 16.92
N LEU B 544 13.62 -29.93 17.40
CA LEU B 544 12.93 -28.94 16.57
C LEU B 544 13.73 -28.59 15.32
N GLU B 545 15.06 -28.61 15.40
CA GLU B 545 15.87 -28.28 14.23
C GLU B 545 15.60 -29.23 13.07
N GLU B 546 15.58 -30.54 13.34
CA GLU B 546 15.30 -31.49 12.27
C GLU B 546 13.91 -31.29 11.71
N ASP B 547 12.96 -30.88 12.55
CA ASP B 547 11.64 -30.54 12.04
C ASP B 547 11.71 -29.42 11.01
N LEU B 548 12.53 -28.41 11.29
CA LEU B 548 12.72 -27.32 10.34
C LEU B 548 13.34 -27.83 9.04
N LYS B 549 14.36 -28.69 9.14
CA LYS B 549 15.03 -29.18 7.94
C LYS B 549 14.06 -29.94 7.05
N LYS B 550 13.18 -30.74 7.64
CA LYS B 550 12.14 -31.39 6.85
C LYS B 550 11.22 -30.36 6.20
N GLN B 551 10.83 -29.34 6.96
CA GLN B 551 10.02 -28.26 6.39
C GLN B 551 10.79 -27.51 5.31
N ALA B 552 12.07 -27.21 5.55
CA ALA B 552 12.86 -26.53 4.54
C ALA B 552 12.97 -27.37 3.28
N ALA B 553 13.21 -28.67 3.43
CA ALA B 553 13.29 -29.55 2.26
C ALA B 553 11.96 -29.59 1.52
N GLU B 554 10.87 -29.82 2.24
CA GLU B 554 9.56 -29.82 1.60
C GLU B 554 9.23 -28.46 1.01
N TYR B 555 9.82 -27.39 1.54
CA TYR B 555 9.61 -26.06 0.99
C TYR B 555 10.22 -25.93 -0.39
N ARG B 556 11.48 -26.35 -0.55
CA ARG B 556 12.14 -26.28 -1.84
C ARG B 556 11.39 -27.10 -2.88
N GLU B 557 10.86 -28.26 -2.48
CA GLU B 557 10.17 -29.12 -3.42
C GLU B 557 8.95 -28.41 -4.00
N ILE B 558 8.21 -27.68 -3.16
CA ILE B 558 7.07 -26.92 -3.68
C ILE B 558 7.54 -25.84 -4.64
N ASP B 559 8.69 -25.24 -4.37
CA ASP B 559 9.25 -24.26 -5.30
C ASP B 559 9.54 -24.90 -6.64
N LYS B 560 10.11 -26.11 -6.65
CA LYS B 560 10.43 -26.78 -7.89
C LYS B 560 9.19 -27.01 -8.74
N ARG B 561 8.10 -27.46 -8.10
CA ARG B 561 6.88 -27.74 -8.86
C ARG B 561 6.30 -26.47 -9.46
N MET B 562 6.31 -25.37 -8.70
CA MET B 562 5.79 -24.12 -9.24
C MET B 562 6.57 -23.67 -10.46
N ASN B 563 7.90 -23.77 -10.40
CA ASN B 563 8.73 -23.32 -11.52
C ASN B 563 8.50 -24.18 -12.75
N SER B 564 8.32 -25.49 -12.57
CA SER B 564 8.07 -26.37 -13.70
C SER B 564 6.63 -26.34 -14.17
N ILE B 565 5.75 -25.66 -13.44
CA ILE B 565 4.34 -25.55 -13.82
C ILE B 565 4.11 -24.22 -14.51
N LYS B 566 4.84 -23.19 -14.08
CA LYS B 566 4.58 -21.85 -14.61
C LYS B 566 4.67 -21.78 -16.11
N PRO B 567 5.75 -22.22 -16.76
CA PRO B 567 5.81 -22.11 -18.23
C PRO B 567 4.67 -22.84 -18.91
N ASP B 568 4.16 -23.90 -18.30
CA ASP B 568 3.00 -24.60 -18.84
C ASP B 568 1.78 -23.68 -18.88
N LEU B 569 1.59 -22.89 -17.82
CA LEU B 569 0.47 -21.95 -17.79
C LEU B 569 0.59 -20.92 -18.91
N ILE B 570 1.79 -20.36 -19.10
CA ILE B 570 1.96 -19.39 -20.17
C ILE B 570 1.71 -20.03 -21.53
N GLN B 571 2.29 -21.21 -21.75
CA GLN B 571 2.12 -21.87 -23.04
C GLN B 571 0.65 -22.22 -23.29
N LEU B 572 -0.02 -22.77 -22.28
CA LEU B 572 -1.42 -23.14 -22.43
C LEU B 572 -2.30 -21.91 -22.64
N ARG B 573 -2.09 -20.87 -21.83
CA ARG B 573 -2.90 -19.66 -21.94
C ARG B 573 -2.65 -18.96 -23.27
N LYS B 574 -1.40 -18.90 -23.72
CA LYS B 574 -1.10 -18.22 -24.97
C LYS B 574 -1.81 -18.89 -26.14
N THR B 575 -1.69 -20.21 -26.25
CA THR B 575 -2.37 -20.91 -27.32
C THR B 575 -3.88 -20.88 -27.13
N ARG B 576 -4.34 -20.98 -25.88
CA ARG B 576 -5.77 -20.99 -25.62
C ARG B 576 -6.42 -19.69 -26.08
N ASP B 577 -5.79 -18.55 -25.77
CA ASP B 577 -6.36 -17.28 -26.16
C ASP B 577 -6.28 -17.03 -27.66
N GLN B 578 -5.30 -17.62 -28.34
CA GLN B 578 -5.20 -17.46 -29.79
C GLN B 578 -6.47 -17.95 -30.47
N TYR B 579 -6.98 -19.10 -30.04
CA TYR B 579 -8.20 -19.64 -30.65
C TYR B 579 -9.42 -18.81 -30.27
N LEU B 580 -9.51 -18.38 -29.02
CA LEU B 580 -10.63 -17.55 -28.60
C LEU B 580 -10.66 -16.25 -29.39
N MET B 581 -9.50 -15.62 -29.58
CA MET B 581 -9.43 -14.43 -30.42
C MET B 581 -9.65 -14.80 -31.88
N TRP B 582 -9.21 -15.99 -32.30
CA TRP B 582 -9.35 -16.38 -33.70
C TRP B 582 -10.81 -16.60 -34.06
N LEU B 583 -11.63 -17.10 -33.13
CA LEU B 583 -13.02 -17.37 -33.44
C LEU B 583 -13.75 -16.09 -33.80
N THR B 584 -13.47 -14.99 -33.09
CA THR B 584 -14.10 -13.72 -33.41
C THR B 584 -13.68 -13.23 -34.79
N GLN B 585 -12.41 -13.42 -35.14
CA GLN B 585 -11.90 -12.84 -36.38
C GLN B 585 -12.67 -13.35 -37.59
N LYS B 586 -12.99 -14.64 -37.61
CA LYS B 586 -13.68 -15.24 -38.75
C LYS B 586 -15.19 -15.17 -38.60
N GLY B 587 -15.69 -13.97 -38.31
CA GLY B 587 -17.11 -13.70 -38.31
C GLY B 587 -17.93 -14.60 -37.41
N VAL B 588 -17.48 -14.80 -36.17
CA VAL B 588 -18.19 -15.61 -35.19
C VAL B 588 -18.47 -14.77 -33.97
N ARG B 589 -19.73 -14.74 -33.55
CA ARG B 589 -20.14 -13.95 -32.40
C ARG B 589 -19.85 -14.72 -31.11
N GLN B 590 -19.37 -13.99 -30.10
CA GLN B 590 -18.92 -14.62 -28.86
C GLN B 590 -20.05 -15.06 -27.95
N LYS B 591 -21.30 -14.73 -28.28
CA LYS B 591 -22.42 -15.19 -27.47
C LYS B 591 -22.49 -16.71 -27.47
N LYS B 592 -22.31 -17.34 -28.64
CA LYS B 592 -22.32 -18.79 -28.71
C LYS B 592 -21.11 -19.38 -27.97
N LEU B 593 -19.95 -18.75 -28.09
CA LEU B 593 -18.77 -19.18 -27.33
C LEU B 593 -18.94 -18.99 -25.83
N ASN B 594 -19.92 -18.20 -25.40
CA ASN B 594 -20.13 -18.03 -23.96
C ASN B 594 -20.50 -19.36 -23.32
N GLU B 595 -21.36 -20.15 -23.96
CA GLU B 595 -21.76 -21.44 -23.41
C GLU B 595 -20.77 -22.55 -23.75
N TRP B 596 -20.00 -22.42 -24.83
CA TRP B 596 -18.98 -23.42 -25.11
C TRP B 596 -17.92 -23.45 -24.02
N LEU B 597 -17.48 -22.28 -23.57
CA LEU B 597 -16.50 -22.19 -22.50
C LEU B 597 -15.18 -22.83 -22.94
#